data_6KO1
#
_entry.id   6KO1
#
_cell.length_a   49.763
_cell.length_b   81.401
_cell.length_c   161.233
_cell.angle_alpha   90.000
_cell.angle_beta   90.000
_cell.angle_gamma   90.000
#
_symmetry.space_group_name_H-M   'P 21 21 21'
#
loop_
_entity.id
_entity.type
_entity.pdbx_description
1 polymer "cAMP and cAMP-inhibited cGMP 3',5'-cyclic phosphodiesterase 10A"
2 non-polymer 'ZINC ION'
3 non-polymer 'MAGNESIUM ION'
4 non-polymer 6-chloranyl-3-[2-(5-methyl-1-phenyl-benzimidazol-2-yl)ethyl]chromen-4-one
5 water water
#
_entity_poly.entity_id   1
_entity_poly.type   'polypeptide(L)'
_entity_poly.pdbx_seq_one_letter_code
;MSICTSEEWQGLMQFTLPVRLCKEIELFHFDIGPFENMWPGIFVYMVHRSCGTSCFELEKLCRFIMSVKKNYRRVPYHNW
KHAVTVAHCMYAILQNNHTLFTDLERKGLLIACLCHDLDHRGFSNSYLQKFDHPLAALYSTSTMEQHHFSQTVSILQLEG
HNIFSTLSSSEYEQVLEIIRKAIIATDLALYFGNRKQLEEMYQTGSLNLNNQSHRDRVIGLMMTACDLCSVTKLWPVTKL
TANDIYAEFWAEGDEMKKLGIQPIPMMDRDKKDEVPQGQLGFYNAVAIPCYTTLTQILPPTEPLLKACRDNLSQWEKVIR
GE
;
_entity_poly.pdbx_strand_id   A,B
#
loop_
_chem_comp.id
_chem_comp.type
_chem_comp.name
_chem_comp.formula
DL0 non-polymer 6-chloranyl-3-[2-(5-methyl-1-phenyl-benzimidazol-2-yl)ethyl]chromen-4-one 'C25 H19 Cl N2 O2'
MG non-polymer 'MAGNESIUM ION' 'Mg 2'
ZN non-polymer 'ZINC ION' 'Zn 2'
#
# COMPACT_ATOMS: atom_id res chain seq x y z
N MET A 13 37.94 -19.03 -6.69
CA MET A 13 38.62 -18.05 -7.53
C MET A 13 38.51 -18.41 -9.01
N GLN A 14 38.79 -19.68 -9.32
CA GLN A 14 38.91 -20.16 -10.69
C GLN A 14 37.66 -19.89 -11.53
N PHE A 15 36.56 -19.46 -10.91
CA PHE A 15 35.26 -19.44 -11.56
C PHE A 15 35.12 -18.32 -12.58
N THR A 16 34.42 -18.60 -13.69
CA THR A 16 34.00 -17.62 -14.67
C THR A 16 32.52 -17.85 -14.95
N LEU A 17 31.79 -16.76 -15.14
CA LEU A 17 30.32 -16.85 -15.25
C LEU A 17 29.90 -17.22 -16.67
N PRO A 18 29.07 -18.28 -16.86
CA PRO A 18 28.53 -18.59 -18.19
C PRO A 18 28.02 -17.37 -18.91
N VAL A 19 28.86 -16.83 -19.81
CA VAL A 19 28.68 -15.54 -20.45
C VAL A 19 27.24 -15.30 -20.93
N ARG A 20 26.48 -16.37 -21.11
CA ARG A 20 25.06 -16.23 -21.41
C ARG A 20 24.33 -15.49 -20.29
N LEU A 21 24.75 -15.64 -19.05
CA LEU A 21 24.04 -14.97 -17.96
C LEU A 21 24.42 -13.50 -17.80
N CYS A 22 25.37 -12.98 -18.57
CA CYS A 22 25.91 -11.66 -18.29
C CYS A 22 24.83 -10.58 -18.38
N LYS A 23 23.88 -10.74 -19.28
CA LYS A 23 22.81 -9.75 -19.35
C LYS A 23 21.70 -10.09 -18.37
N GLU A 24 21.37 -11.38 -18.22
CA GLU A 24 20.27 -11.74 -17.35
C GLU A 24 20.57 -11.50 -15.88
N ILE A 25 21.85 -11.41 -15.50
CA ILE A 25 22.14 -11.04 -14.12
C ILE A 25 21.64 -9.64 -13.82
N GLU A 26 21.90 -8.69 -14.73
CA GLU A 26 21.54 -7.29 -14.50
C GLU A 26 20.04 -7.04 -14.48
N LEU A 27 19.21 -8.08 -14.58
CA LEU A 27 17.79 -7.88 -14.45
C LEU A 27 17.39 -7.73 -12.99
N PHE A 28 16.37 -6.91 -12.75
CA PHE A 28 15.81 -6.80 -11.40
C PHE A 28 15.02 -8.04 -10.99
N HIS A 29 14.59 -8.85 -11.96
CA HIS A 29 13.78 -10.03 -11.67
C HIS A 29 14.55 -11.32 -11.88
N PHE A 30 15.87 -11.27 -11.93
CA PHE A 30 16.66 -12.47 -12.12
C PHE A 30 16.47 -13.43 -10.96
N ASP A 31 16.49 -14.73 -11.27
CA ASP A 31 16.30 -15.78 -10.27
C ASP A 31 17.54 -16.66 -10.25
N ILE A 32 18.22 -16.71 -9.12
CA ILE A 32 19.47 -17.46 -9.03
C ILE A 32 19.10 -18.92 -8.82
N GLY A 33 17.78 -19.20 -8.80
CA GLY A 33 17.21 -20.52 -8.55
C GLY A 33 17.98 -21.67 -9.18
N PRO A 34 17.92 -21.77 -10.52
CA PRO A 34 18.58 -22.89 -11.20
C PRO A 34 20.09 -22.96 -11.04
N PHE A 35 20.75 -21.97 -10.46
CA PHE A 35 22.20 -21.92 -10.64
C PHE A 35 23.00 -22.06 -9.35
N GLU A 36 22.71 -23.10 -8.55
CA GLU A 36 23.25 -23.16 -7.19
C GLU A 36 24.76 -23.41 -7.15
N ASN A 37 25.28 -24.25 -8.07
CA ASN A 37 26.73 -24.40 -8.16
C ASN A 37 27.41 -23.06 -8.28
N MET A 38 26.75 -22.11 -8.96
CA MET A 38 27.28 -20.79 -9.33
C MET A 38 27.05 -19.70 -8.27
N TRP A 39 26.23 -19.93 -7.24
CA TRP A 39 25.90 -18.87 -6.31
C TRP A 39 27.13 -18.18 -5.70
N PRO A 40 28.16 -18.88 -5.21
CA PRO A 40 29.35 -18.16 -4.76
C PRO A 40 30.05 -17.41 -5.88
N GLY A 41 30.10 -18.02 -7.07
CA GLY A 41 30.76 -17.34 -8.18
C GLY A 41 29.98 -16.14 -8.66
N ILE A 42 28.66 -16.22 -8.64
CA ILE A 42 27.86 -15.07 -9.01
C ILE A 42 28.19 -13.89 -8.12
N PHE A 43 28.11 -14.06 -6.80
CA PHE A 43 28.38 -12.94 -5.91
C PHE A 43 29.68 -12.24 -6.29
N VAL A 44 30.76 -13.03 -6.36
CA VAL A 44 32.06 -12.54 -6.82
C VAL A 44 31.90 -11.75 -8.10
N TYR A 45 31.22 -12.34 -9.09
CA TYR A 45 30.97 -11.62 -10.32
C TYR A 45 30.31 -10.27 -10.02
N MET A 46 29.25 -10.27 -9.20
CA MET A 46 28.56 -9.01 -8.87
C MET A 46 29.47 -8.05 -8.12
N VAL A 47 30.37 -8.58 -7.28
CA VAL A 47 31.40 -7.73 -6.70
C VAL A 47 32.33 -7.22 -7.79
N HIS A 48 32.90 -8.14 -8.57
CA HIS A 48 33.81 -7.72 -9.63
C HIS A 48 33.18 -6.68 -10.54
N ARG A 49 31.93 -6.86 -10.94
CA ARG A 49 31.31 -5.83 -11.79
C ARG A 49 31.23 -4.48 -11.09
N SER A 50 30.88 -4.47 -9.81
CA SER A 50 30.68 -3.19 -9.15
C SER A 50 32.02 -2.54 -8.82
N CYS A 51 32.60 -2.88 -7.66
CA CYS A 51 33.83 -2.24 -7.16
C CYS A 51 35.08 -2.69 -7.87
N GLY A 52 34.95 -3.29 -9.05
CA GLY A 52 36.07 -3.76 -9.82
C GLY A 52 36.61 -5.08 -9.30
N THR A 53 37.35 -5.78 -10.18
CA THR A 53 37.96 -7.04 -9.78
C THR A 53 38.97 -6.83 -8.66
N SER A 54 39.84 -5.84 -8.81
CA SER A 54 40.84 -5.54 -7.79
C SER A 54 40.29 -4.55 -6.76
N CYS A 55 39.09 -4.85 -6.28
CA CYS A 55 38.58 -4.21 -5.07
C CYS A 55 39.08 -4.92 -3.82
N PHE A 56 38.75 -6.20 -3.67
CA PHE A 56 39.32 -7.08 -2.67
C PHE A 56 40.29 -8.05 -3.34
N GLU A 57 41.35 -8.41 -2.62
CA GLU A 57 42.26 -9.42 -3.13
C GLU A 57 41.49 -10.72 -3.32
N LEU A 58 41.63 -11.31 -4.51
CA LEU A 58 40.79 -12.45 -4.88
C LEU A 58 40.87 -13.56 -3.85
N GLU A 59 42.04 -13.78 -3.26
CA GLU A 59 42.20 -14.90 -2.35
C GLU A 59 41.42 -14.70 -1.05
N LYS A 60 41.44 -13.50 -0.48
CA LYS A 60 40.72 -13.34 0.77
C LYS A 60 39.24 -13.09 0.57
N LEU A 61 38.79 -12.97 -0.68
CA LEU A 61 37.35 -12.90 -0.92
C LEU A 61 36.76 -14.29 -0.94
N CYS A 62 37.45 -15.26 -1.51
CA CYS A 62 36.94 -16.62 -1.54
C CYS A 62 36.89 -17.23 -0.14
N ARG A 63 37.97 -17.12 0.63
CA ARG A 63 37.87 -17.52 2.04
C ARG A 63 36.60 -16.94 2.66
N PHE A 64 36.33 -15.67 2.37
CA PHE A 64 35.26 -14.97 3.07
C PHE A 64 33.88 -15.48 2.63
N ILE A 65 33.62 -15.42 1.33
CA ILE A 65 32.36 -15.92 0.79
C ILE A 65 32.13 -17.36 1.20
N MET A 66 33.21 -18.13 1.38
CA MET A 66 33.04 -19.55 1.67
C MET A 66 32.81 -19.80 3.15
N SER A 67 33.54 -19.12 4.03
CA SER A 67 33.19 -19.18 5.45
C SER A 67 31.74 -18.75 5.66
N VAL A 68 31.39 -17.56 5.19
CA VAL A 68 30.03 -17.00 5.28
C VAL A 68 29.00 -18.07 4.93
N LYS A 69 29.20 -18.70 3.78
CA LYS A 69 28.26 -19.68 3.26
C LYS A 69 28.05 -20.80 4.25
N LYS A 70 29.14 -21.44 4.69
CA LYS A 70 29.08 -22.53 5.65
C LYS A 70 28.33 -22.13 6.93
N ASN A 71 28.34 -20.85 7.27
CA ASN A 71 27.63 -20.35 8.43
C ASN A 71 26.18 -19.98 8.13
N TYR A 72 25.70 -20.22 6.94
CA TYR A 72 24.27 -20.27 6.73
C TYR A 72 23.86 -21.71 6.92
N ARG A 73 22.65 -21.92 7.42
CA ARG A 73 22.29 -23.26 7.85
C ARG A 73 21.12 -23.80 7.05
N ARG A 74 20.91 -25.10 7.23
CA ARG A 74 19.80 -25.82 6.61
C ARG A 74 18.52 -25.44 7.32
N VAL A 75 17.83 -24.46 6.74
CA VAL A 75 16.52 -23.98 7.16
C VAL A 75 15.74 -23.77 5.87
N PRO A 76 14.44 -23.49 5.93
CA PRO A 76 13.68 -23.45 4.67
C PRO A 76 13.95 -22.22 3.83
N TYR A 77 14.17 -21.06 4.45
CA TYR A 77 14.22 -19.79 3.73
C TYR A 77 15.44 -18.96 4.14
N HIS A 78 15.64 -18.77 5.45
CA HIS A 78 16.71 -17.88 5.89
C HIS A 78 18.05 -18.63 5.77
N ASN A 79 18.44 -18.84 4.50
CA ASN A 79 19.51 -19.74 4.12
C ASN A 79 20.52 -19.08 3.16
N TRP A 80 21.40 -19.89 2.58
CA TRP A 80 22.41 -19.35 1.70
C TRP A 80 21.79 -18.83 0.40
N LYS A 81 20.82 -19.56 -0.15
CA LYS A 81 20.12 -19.05 -1.33
C LYS A 81 19.49 -17.71 -1.04
N HIS A 82 18.85 -17.56 0.12
CA HIS A 82 18.22 -16.29 0.43
C HIS A 82 19.24 -15.16 0.36
N ALA A 83 20.27 -15.23 1.21
CA ALA A 83 21.29 -14.19 1.25
C ALA A 83 21.75 -13.80 -0.15
N VAL A 84 22.16 -14.77 -0.95
CA VAL A 84 22.72 -14.40 -2.25
C VAL A 84 21.68 -13.69 -3.09
N THR A 85 20.40 -14.11 -2.99
CA THR A 85 19.33 -13.36 -3.67
C THR A 85 19.24 -11.92 -3.19
N VAL A 86 19.38 -11.68 -1.87
CA VAL A 86 19.36 -10.31 -1.38
C VAL A 86 20.54 -9.52 -1.96
N ALA A 87 21.76 -10.07 -1.87
CA ALA A 87 22.92 -9.46 -2.56
C ALA A 87 22.65 -9.18 -4.03
N HIS A 88 21.88 -10.03 -4.70
CA HIS A 88 21.54 -9.78 -6.10
C HIS A 88 20.72 -8.52 -6.28
N CYS A 89 19.67 -8.36 -5.47
CA CYS A 89 18.77 -7.21 -5.63
C CYS A 89 19.51 -5.90 -5.31
N MET A 90 20.35 -5.91 -4.29
CA MET A 90 21.22 -4.77 -3.99
C MET A 90 22.16 -4.47 -5.16
N TYR A 91 22.68 -5.52 -5.80
CA TYR A 91 23.51 -5.34 -6.98
C TYR A 91 22.76 -4.53 -8.02
N ALA A 92 21.63 -5.08 -8.45
CA ALA A 92 20.79 -4.42 -9.44
C ALA A 92 20.56 -2.95 -9.09
N ILE A 93 20.14 -2.67 -7.85
CA ILE A 93 19.85 -1.31 -7.43
C ILE A 93 21.08 -0.44 -7.57
N LEU A 94 22.19 -0.86 -6.95
CA LEU A 94 23.43 -0.07 -7.01
C LEU A 94 23.83 0.23 -8.46
N GLN A 95 23.56 -0.69 -9.38
CA GLN A 95 23.96 -0.46 -10.77
C GLN A 95 23.00 0.49 -11.47
N ASN A 96 21.70 0.21 -11.36
CA ASN A 96 20.68 1.06 -11.97
C ASN A 96 20.67 2.44 -11.31
N ASN A 97 21.54 2.66 -10.30
CA ASN A 97 21.78 3.97 -9.67
C ASN A 97 23.29 4.15 -9.49
N HIS A 98 24.01 4.25 -10.60
CA HIS A 98 25.47 4.06 -10.57
C HIS A 98 26.19 5.20 -9.82
N THR A 99 25.95 6.44 -10.21
CA THR A 99 26.73 7.57 -9.72
C THR A 99 25.99 8.30 -8.60
N LEU A 100 25.77 7.58 -7.49
CA LEU A 100 24.99 8.15 -6.39
C LEU A 100 25.27 7.37 -5.11
N PHE A 101 26.23 6.45 -5.16
CA PHE A 101 26.58 5.69 -3.97
C PHE A 101 28.09 5.48 -3.93
N THR A 102 28.72 5.89 -2.82
CA THR A 102 30.16 6.11 -2.82
C THR A 102 30.89 4.81 -3.09
N ASP A 103 32.19 4.97 -3.38
CA ASP A 103 33.05 3.81 -3.53
C ASP A 103 32.79 2.81 -2.41
N LEU A 104 33.08 3.23 -1.17
CA LEU A 104 32.96 2.38 -0.01
C LEU A 104 31.53 1.84 0.15
N GLU A 105 30.53 2.64 -0.19
CA GLU A 105 29.16 2.19 -0.01
C GLU A 105 28.90 0.89 -0.75
N ARG A 106 29.25 0.85 -2.02
CA ARG A 106 29.01 -0.36 -2.80
C ARG A 106 29.80 -1.53 -2.24
N LYS A 107 31.00 -1.31 -1.71
CA LYS A 107 31.67 -2.36 -0.96
C LYS A 107 30.81 -2.83 0.20
N GLY A 108 30.47 -1.90 1.11
CA GLY A 108 29.74 -2.28 2.32
C GLY A 108 28.46 -3.06 2.07
N LEU A 109 27.63 -2.57 1.14
CA LEU A 109 26.23 -3.03 1.06
C LEU A 109 26.11 -4.44 0.48
N LEU A 110 26.88 -4.79 -0.55
CA LEU A 110 26.83 -6.14 -1.07
C LEU A 110 27.29 -7.16 -0.03
N ILE A 111 28.43 -6.90 0.63
CA ILE A 111 28.84 -7.75 1.75
C ILE A 111 27.73 -7.83 2.80
N ALA A 112 27.15 -6.68 3.15
CA ALA A 112 26.12 -6.65 4.18
C ALA A 112 24.91 -7.50 3.79
N CYS A 113 24.46 -7.38 2.55
CA CYS A 113 23.33 -8.20 2.10
C CYS A 113 23.66 -9.67 2.18
N LEU A 114 24.89 -10.03 1.81
CA LEU A 114 25.29 -11.44 1.83
C LEU A 114 25.33 -11.99 3.24
N CYS A 115 25.57 -11.13 4.25
CA CYS A 115 25.78 -11.55 5.62
C CYS A 115 24.59 -11.32 6.55
N HIS A 116 23.62 -10.50 6.12
CA HIS A 116 22.52 -9.98 6.94
C HIS A 116 21.59 -11.01 7.58
N ASP A 117 21.82 -12.29 7.36
CA ASP A 117 21.06 -13.36 8.00
C ASP A 117 21.98 -14.51 8.38
N LEU A 118 23.22 -14.20 8.74
CA LEU A 118 24.17 -15.23 9.10
C LEU A 118 23.69 -15.96 10.34
N ASP A 119 23.87 -17.28 10.32
CA ASP A 119 23.59 -18.13 11.46
C ASP A 119 22.13 -18.01 11.90
N HIS A 120 21.24 -17.76 10.95
CA HIS A 120 19.83 -17.58 11.28
C HIS A 120 19.23 -18.94 11.65
N ARG A 121 18.62 -19.02 12.81
CA ARG A 121 18.09 -20.24 13.33
C ARG A 121 16.78 -20.69 12.75
N GLY A 122 16.04 -19.78 12.18
CA GLY A 122 14.79 -20.12 11.56
C GLY A 122 13.61 -19.76 12.39
N PHE A 123 13.89 -18.97 13.40
CA PHE A 123 12.89 -18.57 14.38
C PHE A 123 12.86 -17.05 14.49
N SER A 124 11.66 -16.51 14.67
CA SER A 124 11.42 -15.07 14.73
C SER A 124 12.09 -14.46 15.95
N ASN A 125 12.22 -13.14 15.91
CA ASN A 125 12.60 -12.43 17.11
C ASN A 125 11.57 -12.64 18.22
N SER A 126 10.28 -12.49 17.90
CA SER A 126 9.25 -12.63 18.93
C SER A 126 9.33 -13.98 19.63
N TYR A 127 9.70 -15.03 18.89
CA TYR A 127 9.91 -16.32 19.51
C TYR A 127 11.04 -16.26 20.54
N LEU A 128 12.20 -15.74 20.14
CA LEU A 128 13.35 -15.73 21.04
C LEU A 128 13.13 -14.88 22.28
N GLN A 129 12.19 -13.95 22.24
CA GLN A 129 11.91 -13.14 23.42
C GLN A 129 10.77 -13.72 24.25
N LYS A 130 9.73 -14.26 23.61
CA LYS A 130 8.72 -15.00 24.34
C LYS A 130 9.32 -16.07 25.25
N PHE A 131 10.44 -16.67 24.84
CA PHE A 131 11.01 -17.80 25.57
C PHE A 131 12.47 -17.54 25.93
N ASP A 132 12.73 -16.38 26.56
CA ASP A 132 13.99 -16.02 27.21
C ASP A 132 15.23 -16.68 26.63
N HIS A 133 15.25 -16.81 25.30
CA HIS A 133 16.29 -17.55 24.59
C HIS A 133 17.65 -16.87 24.78
N PRO A 134 18.73 -17.66 24.95
CA PRO A 134 20.05 -17.07 25.24
C PRO A 134 20.47 -15.91 24.34
N LEU A 135 20.20 -15.98 23.04
CA LEU A 135 20.57 -14.85 22.19
C LEU A 135 19.76 -13.61 22.54
N ALA A 136 18.43 -13.78 22.69
CA ALA A 136 17.59 -12.67 23.13
C ALA A 136 18.06 -12.10 24.47
N ALA A 137 18.67 -12.93 25.32
CA ALA A 137 19.26 -12.37 26.54
C ALA A 137 20.48 -11.52 26.22
N LEU A 138 21.20 -11.86 25.15
CA LEU A 138 22.32 -11.04 24.70
C LEU A 138 21.82 -9.73 24.10
N TYR A 139 20.86 -9.83 23.17
CA TYR A 139 20.38 -8.70 22.38
C TYR A 139 18.90 -8.46 22.68
N SER A 140 18.61 -7.29 23.26
CA SER A 140 17.30 -6.96 23.82
C SER A 140 16.26 -6.63 22.75
N THR A 141 16.69 -6.24 21.55
CA THR A 141 15.83 -6.05 20.38
C THR A 141 16.68 -6.20 19.12
N SER A 142 16.02 -6.52 18.01
CA SER A 142 16.69 -7.04 16.83
C SER A 142 17.62 -8.17 17.23
N THR A 143 17.00 -9.15 17.88
CA THR A 143 17.74 -10.25 18.49
C THR A 143 18.63 -10.95 17.49
N MET A 144 18.06 -11.43 16.38
CA MET A 144 18.89 -12.04 15.35
C MET A 144 19.74 -11.01 14.63
N GLU A 145 19.14 -9.85 14.29
CA GLU A 145 19.83 -8.86 13.46
C GLU A 145 21.21 -8.57 14.02
N GLN A 146 21.30 -8.24 15.31
CA GLN A 146 22.60 -7.96 15.93
C GLN A 146 23.52 -9.18 15.93
N HIS A 147 22.95 -10.38 16.07
CA HIS A 147 23.73 -11.61 15.93
C HIS A 147 24.27 -11.77 14.52
N HIS A 148 23.47 -11.43 13.50
CA HIS A 148 23.91 -11.48 12.12
C HIS A 148 25.10 -10.56 11.93
N PHE A 149 25.02 -9.38 12.52
CA PHE A 149 26.17 -8.49 12.52
C PHE A 149 27.31 -9.06 13.36
N SER A 150 26.97 -9.61 14.54
CA SER A 150 27.98 -10.21 15.39
C SER A 150 28.72 -11.33 14.65
N GLN A 151 27.98 -12.11 13.89
CA GLN A 151 28.63 -13.12 13.07
C GLN A 151 29.51 -12.48 12.01
N THR A 152 29.04 -11.42 11.35
CA THR A 152 29.82 -10.79 10.29
C THR A 152 31.17 -10.33 10.80
N VAL A 153 31.17 -9.49 11.84
CA VAL A 153 32.42 -8.99 12.40
C VAL A 153 33.33 -10.14 12.80
N SER A 154 32.75 -11.15 13.45
CA SER A 154 33.54 -12.29 13.86
C SER A 154 34.27 -12.89 12.66
N ILE A 155 33.55 -13.13 11.56
CA ILE A 155 34.16 -13.84 10.45
C ILE A 155 35.20 -12.97 9.75
N LEU A 156 34.99 -11.66 9.73
CA LEU A 156 36.04 -10.81 9.16
C LEU A 156 37.37 -11.10 9.82
N GLN A 157 37.36 -11.23 11.15
CA GLN A 157 38.54 -11.26 12.00
C GLN A 157 39.33 -12.56 11.89
N LEU A 158 38.80 -13.56 11.21
CA LEU A 158 39.55 -14.79 10.95
C LEU A 158 40.84 -14.50 10.20
N GLU A 159 41.87 -15.25 10.55
CA GLU A 159 43.13 -15.19 9.83
C GLU A 159 42.86 -15.23 8.33
N GLY A 160 43.27 -14.18 7.64
CA GLY A 160 43.16 -14.11 6.19
C GLY A 160 41.76 -13.96 5.65
N HIS A 161 40.85 -13.39 6.43
CA HIS A 161 39.49 -13.17 5.98
C HIS A 161 39.11 -11.71 5.90
N ASN A 162 39.97 -10.81 6.42
CA ASN A 162 39.61 -9.40 6.54
C ASN A 162 39.88 -8.70 5.23
N ILE A 163 38.90 -8.86 4.33
CA ILE A 163 38.85 -8.21 3.03
C ILE A 163 38.98 -6.69 3.11
N PHE A 164 38.62 -6.09 4.24
CA PHE A 164 38.69 -4.64 4.41
C PHE A 164 40.02 -4.18 5.01
N SER A 165 41.10 -4.94 4.76
CA SER A 165 42.36 -4.69 5.46
C SER A 165 43.05 -3.44 4.94
N THR A 166 43.17 -3.30 3.61
CA THR A 166 43.90 -2.17 3.05
C THR A 166 43.06 -0.90 2.96
N LEU A 167 41.96 -0.84 3.71
CA LEU A 167 41.33 0.45 3.96
C LEU A 167 42.02 1.09 5.13
N SER A 168 42.20 2.39 5.06
CA SER A 168 42.60 3.13 6.25
C SER A 168 41.68 2.73 7.39
N SER A 169 42.25 2.66 8.60
CA SER A 169 41.47 2.27 9.76
C SER A 169 40.17 3.07 9.84
N SER A 170 40.22 4.37 9.47
CA SER A 170 39.03 5.20 9.51
C SER A 170 38.00 4.73 8.51
N GLU A 171 38.39 4.57 7.24
CA GLU A 171 37.47 3.99 6.27
C GLU A 171 37.05 2.58 6.68
N TYR A 172 37.89 1.89 7.46
CA TYR A 172 37.58 0.54 7.87
C TYR A 172 36.47 0.52 8.91
N GLU A 173 36.44 1.53 9.78
CA GLU A 173 35.35 1.67 10.74
C GLU A 173 34.27 2.57 10.19
N GLN A 174 34.25 2.79 8.89
CA GLN A 174 33.06 3.28 8.23
C GLN A 174 32.32 2.15 7.51
N VAL A 175 33.04 1.33 6.72
CA VAL A 175 32.53 0.06 6.19
C VAL A 175 31.65 -0.55 7.26
N LEU A 176 32.30 -0.96 8.34
CA LEU A 176 31.61 -1.62 9.44
C LEU A 176 30.32 -0.93 9.75
N GLU A 177 30.37 0.40 9.93
CA GLU A 177 29.18 1.04 10.42
C GLU A 177 28.04 0.87 9.44
N ILE A 178 28.30 1.10 8.15
CA ILE A 178 27.33 0.80 7.11
C ILE A 178 26.79 -0.61 7.29
N ILE A 179 27.70 -1.57 7.52
CA ILE A 179 27.34 -2.99 7.57
C ILE A 179 26.47 -3.30 8.79
N ARG A 180 26.95 -2.94 9.99
CA ARG A 180 26.09 -3.02 11.17
C ARG A 180 24.74 -2.37 10.91
N LYS A 181 24.74 -1.10 10.51
CA LYS A 181 23.50 -0.36 10.30
C LYS A 181 22.60 -1.07 9.31
N ALA A 182 23.15 -1.41 8.13
CA ALA A 182 22.35 -1.98 7.07
C ALA A 182 21.77 -3.34 7.47
N ILE A 183 22.48 -4.08 8.32
CA ILE A 183 22.00 -5.36 8.81
C ILE A 183 20.90 -5.16 9.84
N ILE A 184 21.02 -4.13 10.68
CA ILE A 184 19.98 -3.91 11.68
C ILE A 184 18.69 -3.46 11.00
N ALA A 185 18.82 -2.65 9.94
CA ALA A 185 17.62 -2.19 9.23
C ALA A 185 16.79 -3.32 8.62
N THR A 186 17.31 -4.55 8.56
CA THR A 186 16.53 -5.63 7.99
C THR A 186 15.47 -6.15 8.95
N ASP A 187 15.47 -5.72 10.20
CA ASP A 187 14.37 -6.04 11.11
C ASP A 187 13.13 -5.32 10.60
N LEU A 188 12.20 -6.07 9.99
CA LEU A 188 11.00 -5.42 9.47
C LEU A 188 10.46 -4.40 10.46
N ALA A 189 10.36 -4.77 11.72
CA ALA A 189 9.84 -3.92 12.78
C ALA A 189 10.28 -2.47 12.59
N LEU A 190 11.55 -2.29 12.25
CA LEU A 190 12.08 -0.95 12.08
C LEU A 190 11.69 -0.35 10.73
N TYR A 191 11.45 -1.20 9.77
CA TYR A 191 11.08 -0.77 8.46
C TYR A 191 9.92 0.21 8.39
N PHE A 192 8.84 -0.09 9.06
CA PHE A 192 7.67 0.73 9.02
C PHE A 192 7.90 2.19 9.36
N GLY A 193 8.70 2.47 10.35
CA GLY A 193 8.99 3.81 10.73
C GLY A 193 9.96 4.48 9.82
N ASN A 194 10.93 3.75 9.35
CA ASN A 194 11.93 4.26 8.51
C ASN A 194 11.39 4.65 7.20
N ARG A 195 10.31 4.06 6.83
CA ARG A 195 9.74 4.36 5.56
C ARG A 195 8.73 5.46 5.66
N LYS A 196 8.29 5.73 6.87
CA LYS A 196 7.31 6.75 7.08
C LYS A 196 7.95 8.07 7.15
N GLN A 197 9.17 8.07 7.61
CA GLN A 197 9.93 9.26 7.79
C GLN A 197 10.46 9.66 6.52
N LEU A 198 10.58 8.72 5.63
CA LEU A 198 11.07 8.99 4.33
C LEU A 198 9.97 9.45 3.41
N GLU A 199 8.77 9.16 3.78
CA GLU A 199 7.62 9.52 3.01
C GLU A 199 7.22 10.92 3.29
N GLU A 200 7.81 11.48 4.34
CA GLU A 200 7.56 12.79 4.86
C GLU A 200 8.64 13.77 4.48
N MET A 201 9.80 13.22 4.25
CA MET A 201 10.91 14.02 3.88
C MET A 201 10.65 14.25 2.44
N TYR A 202 10.00 13.31 1.81
CA TYR A 202 9.74 13.53 0.39
C TYR A 202 8.60 14.51 0.20
N GLN A 203 7.48 14.26 0.87
CA GLN A 203 6.35 15.20 0.87
C GLN A 203 6.88 16.57 1.18
N THR A 204 7.58 16.67 2.30
CA THR A 204 8.12 17.94 2.76
C THR A 204 9.17 18.48 1.78
N GLY A 205 10.11 17.63 1.39
CA GLY A 205 11.19 18.04 0.51
C GLY A 205 12.50 18.19 1.23
N SER A 206 12.51 17.96 2.53
CA SER A 206 13.66 18.15 3.38
C SER A 206 14.60 16.99 3.37
N LEU A 207 14.49 16.05 2.43
CA LEU A 207 15.41 14.92 2.41
C LEU A 207 16.59 15.26 1.53
N ASN A 208 17.78 14.97 2.03
CA ASN A 208 19.01 15.58 1.57
C ASN A 208 20.09 14.51 1.62
N LEU A 209 20.48 14.00 0.45
CA LEU A 209 21.43 12.91 0.40
C LEU A 209 22.80 13.32 0.93
N ASN A 210 23.06 14.63 1.05
CA ASN A 210 24.30 15.10 1.66
C ASN A 210 24.32 14.79 3.16
N ASN A 211 23.21 15.04 3.85
CA ASN A 211 23.08 14.67 5.26
C ASN A 211 23.19 13.15 5.42
N GLN A 212 24.13 12.71 6.26
CA GLN A 212 24.44 11.28 6.36
C GLN A 212 23.22 10.48 6.82
N SER A 213 22.51 10.95 7.85
CA SER A 213 21.44 10.09 8.38
C SER A 213 20.18 10.05 7.52
N HIS A 214 20.12 10.77 6.40
CA HIS A 214 19.10 10.46 5.40
C HIS A 214 19.55 9.30 4.54
N ARG A 215 20.82 9.27 4.17
CA ARG A 215 21.34 8.15 3.41
C ARG A 215 21.08 6.85 4.14
N ASP A 216 21.46 6.84 5.42
CA ASP A 216 21.24 5.68 6.28
C ASP A 216 19.79 5.25 6.28
N ARG A 217 18.88 6.23 6.31
CA ARG A 217 17.47 5.93 6.10
C ARG A 217 17.16 5.34 4.72
N VAL A 218 17.76 5.90 3.67
CA VAL A 218 17.53 5.33 2.33
C VAL A 218 18.17 3.96 2.23
N ILE A 219 19.41 3.81 2.70
CA ILE A 219 20.08 2.51 2.70
C ILE A 219 19.19 1.45 3.32
N GLY A 220 18.46 1.83 4.39
CA GLY A 220 17.64 0.86 5.11
C GLY A 220 16.45 0.36 4.32
N LEU A 221 15.75 1.24 3.60
CA LEU A 221 14.70 0.77 2.69
C LEU A 221 15.32 -0.02 1.55
N MET A 222 16.49 0.41 1.06
CA MET A 222 17.24 -0.39 0.11
C MET A 222 17.50 -1.79 0.68
N MET A 223 17.91 -1.86 1.95
CA MET A 223 18.07 -3.16 2.59
C MET A 223 16.74 -3.92 2.69
N THR A 224 15.64 -3.22 3.03
CA THR A 224 14.34 -3.88 3.10
C THR A 224 13.90 -4.35 1.73
N ALA A 225 13.95 -3.46 0.74
CA ALA A 225 13.56 -3.82 -0.62
C ALA A 225 14.33 -5.03 -1.12
N CYS A 226 15.59 -5.17 -0.72
CA CYS A 226 16.31 -6.36 -1.10
C CYS A 226 15.76 -7.57 -0.36
N ASP A 227 15.62 -7.42 0.95
CA ASP A 227 15.13 -8.50 1.80
C ASP A 227 13.83 -9.10 1.31
N LEU A 228 12.98 -8.30 0.66
CA LEU A 228 11.67 -8.76 0.22
C LEU A 228 11.61 -9.03 -1.28
N CYS A 229 12.75 -8.99 -1.98
CA CYS A 229 12.75 -9.03 -3.44
C CYS A 229 12.15 -10.32 -4.02
N SER A 230 11.98 -11.37 -3.22
CA SER A 230 11.32 -12.54 -3.79
C SER A 230 9.92 -12.19 -4.19
N VAL A 231 9.35 -11.17 -3.54
CA VAL A 231 8.04 -10.71 -3.97
C VAL A 231 8.12 -10.05 -5.33
N THR A 232 9.32 -9.63 -5.77
CA THR A 232 9.50 -8.96 -7.05
C THR A 232 10.02 -9.90 -8.16
N LYS A 233 9.93 -11.21 -7.99
CA LYS A 233 10.43 -12.09 -9.04
C LYS A 233 9.26 -12.59 -9.90
N LEU A 234 9.58 -13.39 -10.91
CA LEU A 234 8.54 -13.90 -11.80
C LEU A 234 7.62 -14.80 -11.00
N TRP A 235 6.33 -14.73 -11.32
CA TRP A 235 5.32 -15.45 -10.56
C TRP A 235 5.65 -16.91 -10.26
N PRO A 236 6.17 -17.71 -11.21
CA PRO A 236 6.47 -19.11 -10.86
C PRO A 236 7.69 -19.25 -9.98
N VAL A 237 8.58 -18.28 -10.03
CA VAL A 237 9.64 -18.21 -9.03
C VAL A 237 9.05 -17.82 -7.67
N THR A 238 8.32 -16.70 -7.63
CA THR A 238 7.74 -16.22 -6.38
C THR A 238 6.79 -17.24 -5.73
N LYS A 239 5.93 -17.88 -6.53
CA LYS A 239 4.97 -18.81 -5.94
C LYS A 239 5.70 -19.92 -5.21
N LEU A 240 6.82 -20.36 -5.75
CA LEU A 240 7.60 -21.40 -5.11
C LEU A 240 8.63 -20.87 -4.11
N THR A 241 8.85 -19.55 -4.04
CA THR A 241 9.59 -19.04 -2.88
C THR A 241 8.69 -18.98 -1.65
N ALA A 242 7.42 -18.61 -1.84
CA ALA A 242 6.50 -18.52 -0.71
C ALA A 242 6.46 -19.82 0.08
N ASN A 243 6.44 -20.97 -0.61
CA ASN A 243 6.49 -22.26 0.06
C ASN A 243 7.69 -22.31 0.99
N ASP A 244 8.81 -21.74 0.57
CA ASP A 244 9.99 -21.75 1.42
C ASP A 244 9.75 -20.97 2.69
N ILE A 245 9.03 -19.85 2.57
CA ILE A 245 8.86 -18.93 3.68
C ILE A 245 7.93 -19.52 4.74
N TYR A 246 6.80 -20.08 4.31
CA TYR A 246 5.84 -20.59 5.27
C TYR A 246 6.38 -21.83 5.97
N ALA A 247 6.96 -22.75 5.19
CA ALA A 247 7.68 -23.92 5.71
C ALA A 247 8.37 -23.61 7.03
N GLU A 248 9.06 -22.48 7.07
CA GLU A 248 9.73 -22.02 8.27
C GLU A 248 8.72 -21.56 9.32
N PHE A 249 7.93 -20.53 8.98
CA PHE A 249 6.90 -20.02 9.87
C PHE A 249 6.08 -21.12 10.50
N TRP A 250 5.73 -22.15 9.72
CA TRP A 250 4.90 -23.24 10.22
C TRP A 250 5.68 -24.18 11.15
N ALA A 251 6.98 -24.35 10.91
CA ALA A 251 7.83 -24.91 11.95
C ALA A 251 7.73 -24.06 13.23
N GLU A 252 7.86 -22.74 13.10
CA GLU A 252 7.75 -21.88 14.27
C GLU A 252 6.38 -21.93 14.93
N GLY A 253 5.36 -22.37 14.20
CA GLY A 253 4.07 -22.66 14.79
C GLY A 253 4.09 -24.04 15.43
N ASP A 254 4.61 -25.03 14.70
CA ASP A 254 4.71 -26.39 15.22
C ASP A 254 5.32 -26.45 16.63
N GLU A 255 6.28 -25.55 16.94
CA GLU A 255 6.86 -25.48 18.27
C GLU A 255 5.96 -24.73 19.22
N MET A 256 5.23 -23.73 18.71
CA MET A 256 4.26 -23.02 19.53
C MET A 256 3.08 -23.91 19.89
N LYS A 257 2.69 -24.80 18.96
CA LYS A 257 1.61 -25.74 19.22
C LYS A 257 2.04 -26.82 20.20
N LYS A 258 3.27 -27.32 20.05
CA LYS A 258 3.77 -28.42 20.87
C LYS A 258 3.64 -28.13 22.37
N LEU A 259 3.69 -26.85 22.75
CA LEU A 259 3.50 -26.38 24.13
C LEU A 259 2.05 -26.07 24.45
N GLY A 260 1.13 -26.27 23.49
CA GLY A 260 -0.26 -25.96 23.74
C GLY A 260 -0.57 -24.48 23.63
N ILE A 261 0.17 -23.76 22.80
CA ILE A 261 -0.08 -22.35 22.51
C ILE A 261 -0.51 -22.25 21.05
N GLN A 262 -1.53 -21.46 20.77
CA GLN A 262 -1.92 -21.29 19.38
C GLN A 262 -0.99 -20.29 18.73
N PRO A 263 -0.28 -20.69 17.65
CA PRO A 263 0.50 -19.72 16.89
C PRO A 263 -0.40 -18.68 16.22
N ILE A 264 0.25 -17.65 15.67
CA ILE A 264 -0.47 -16.63 14.91
C ILE A 264 -0.91 -17.30 13.62
N PRO A 265 -1.94 -16.79 12.94
CA PRO A 265 -2.42 -17.45 11.71
C PRO A 265 -1.40 -17.42 10.60
N MET A 266 -0.39 -16.56 10.69
CA MET A 266 0.70 -16.56 9.71
C MET A 266 1.54 -17.82 9.81
N MET A 267 1.68 -18.37 11.02
CA MET A 267 2.58 -19.49 11.26
C MET A 267 1.84 -20.79 11.55
N ASP A 268 0.57 -20.86 11.19
CA ASP A 268 -0.25 -22.03 11.48
C ASP A 268 -0.46 -22.80 10.19
N ARG A 269 -0.02 -24.05 10.17
CA ARG A 269 -0.18 -24.88 8.99
C ARG A 269 -1.62 -25.29 8.78
N ASP A 270 -2.37 -25.48 9.86
CA ASP A 270 -3.79 -25.82 9.76
C ASP A 270 -4.58 -24.81 8.93
N LYS A 271 -4.01 -23.63 8.66
CA LYS A 271 -4.67 -22.61 7.87
C LYS A 271 -3.88 -22.33 6.59
N LYS A 272 -3.35 -23.38 5.94
CA LYS A 272 -2.77 -23.22 4.61
C LYS A 272 -3.77 -22.58 3.67
N ASP A 273 -5.07 -22.86 3.87
CA ASP A 273 -6.08 -22.30 2.99
C ASP A 273 -6.03 -20.79 2.98
N GLU A 274 -5.69 -20.18 4.10
CA GLU A 274 -5.84 -18.74 4.17
C GLU A 274 -4.63 -18.00 3.61
N VAL A 275 -3.59 -18.72 3.15
CA VAL A 275 -2.33 -18.06 2.74
C VAL A 275 -2.53 -17.05 1.61
N PRO A 276 -3.27 -17.34 0.53
CA PRO A 276 -3.47 -16.31 -0.51
C PRO A 276 -3.93 -14.98 0.02
N GLN A 277 -5.02 -14.97 0.81
CA GLN A 277 -5.45 -13.76 1.51
C GLN A 277 -4.31 -13.17 2.32
N GLY A 278 -3.59 -14.01 3.07
CA GLY A 278 -2.52 -13.51 3.93
C GLY A 278 -1.40 -12.85 3.15
N GLN A 279 -0.91 -13.53 2.09
CA GLN A 279 0.05 -12.92 1.19
C GLN A 279 -0.42 -11.56 0.71
N LEU A 280 -1.66 -11.49 0.20
CA LEU A 280 -2.16 -10.26 -0.36
C LEU A 280 -2.14 -9.10 0.65
N GLY A 281 -2.57 -9.37 1.89
CA GLY A 281 -2.46 -8.36 2.93
C GLY A 281 -1.03 -7.92 3.13
N PHE A 282 -0.09 -8.87 3.07
CA PHE A 282 1.33 -8.55 3.25
C PHE A 282 1.83 -7.57 2.21
N TYR A 283 1.56 -7.86 0.92
CA TYR A 283 2.00 -6.95 -0.14
C TYR A 283 1.43 -5.56 0.04
N ASN A 284 0.17 -5.45 0.47
CA ASN A 284 -0.50 -4.16 0.61
C ASN A 284 -0.02 -3.36 1.83
N ALA A 285 0.41 -4.02 2.91
CA ALA A 285 0.87 -3.28 4.08
C ALA A 285 2.39 -3.23 4.20
N VAL A 286 3.11 -4.02 3.42
CA VAL A 286 4.57 -4.02 3.52
C VAL A 286 5.20 -3.78 2.16
N ALA A 287 5.28 -4.83 1.34
CA ALA A 287 5.98 -4.82 0.06
C ALA A 287 5.69 -3.58 -0.77
N ILE A 288 4.42 -3.41 -1.21
CA ILE A 288 4.09 -2.31 -2.13
C ILE A 288 4.49 -0.94 -1.59
N PRO A 289 4.15 -0.56 -0.36
CA PRO A 289 4.68 0.70 0.17
C PRO A 289 6.21 0.81 0.13
N CYS A 290 6.92 -0.28 0.48
CA CYS A 290 8.38 -0.29 0.46
C CYS A 290 8.92 0.10 -0.91
N TYR A 291 8.49 -0.58 -1.95
CA TYR A 291 8.99 -0.30 -3.28
C TYR A 291 8.43 1.00 -3.84
N THR A 292 7.28 1.45 -3.35
CA THR A 292 6.76 2.76 -3.75
C THR A 292 7.65 3.89 -3.23
N THR A 293 7.86 3.95 -1.91
CA THR A 293 8.75 4.98 -1.38
C THR A 293 10.14 4.84 -1.97
N LEU A 294 10.58 3.60 -2.20
CA LEU A 294 11.89 3.40 -2.81
C LEU A 294 11.91 3.95 -4.23
N THR A 295 10.88 3.67 -5.02
CA THR A 295 10.90 4.15 -6.39
C THR A 295 10.77 5.67 -6.41
N GLN A 296 10.09 6.24 -5.44
CA GLN A 296 10.09 7.70 -5.32
C GLN A 296 11.48 8.24 -4.97
N ILE A 297 12.27 7.50 -4.21
CA ILE A 297 13.61 8.00 -3.89
C ILE A 297 14.65 7.55 -4.91
N LEU A 298 14.49 6.36 -5.50
CA LEU A 298 15.40 5.84 -6.51
C LEU A 298 14.63 5.46 -7.76
N PRO A 299 14.23 6.44 -8.57
CA PRO A 299 13.32 6.18 -9.69
C PRO A 299 13.72 4.98 -10.56
N PRO A 300 15.01 4.69 -10.76
CA PRO A 300 15.33 3.53 -11.61
C PRO A 300 14.86 2.19 -11.06
N THR A 301 14.53 2.10 -9.77
CA THR A 301 14.12 0.86 -9.15
C THR A 301 12.66 0.54 -9.38
N GLU A 302 12.05 1.17 -10.37
CA GLU A 302 10.66 0.88 -10.66
C GLU A 302 10.40 -0.57 -11.08
N PRO A 303 11.30 -1.29 -11.75
CA PRO A 303 11.02 -2.70 -12.06
C PRO A 303 10.65 -3.57 -10.85
N LEU A 304 11.27 -3.34 -9.69
CA LEU A 304 10.86 -4.05 -8.49
C LEU A 304 9.37 -3.83 -8.22
N LEU A 305 8.94 -2.57 -8.16
CA LEU A 305 7.54 -2.30 -7.83
C LEU A 305 6.61 -2.70 -8.95
N LYS A 306 7.07 -2.63 -10.20
CA LYS A 306 6.27 -3.14 -11.31
C LYS A 306 6.04 -4.64 -11.16
N ALA A 307 7.09 -5.42 -10.90
CA ALA A 307 6.88 -6.85 -10.69
C ALA A 307 6.21 -7.13 -9.37
N CYS A 308 6.31 -6.22 -8.40
CA CYS A 308 5.59 -6.41 -7.16
C CYS A 308 4.09 -6.33 -7.39
N ARG A 309 3.65 -5.31 -8.15
CA ARG A 309 2.25 -5.27 -8.56
C ARG A 309 1.84 -6.56 -9.27
N ASP A 310 2.56 -6.92 -10.34
CA ASP A 310 2.24 -8.12 -11.12
C ASP A 310 2.02 -9.32 -10.22
N ASN A 311 2.98 -9.62 -9.36
CA ASN A 311 2.85 -10.72 -8.41
C ASN A 311 1.63 -10.54 -7.52
N LEU A 312 1.39 -9.33 -7.03
CA LEU A 312 0.24 -9.10 -6.16
C LEU A 312 -1.04 -9.55 -6.85
N SER A 313 -1.25 -9.07 -8.09
CA SER A 313 -2.48 -9.38 -8.81
C SER A 313 -2.61 -10.87 -9.09
N GLN A 314 -1.48 -11.61 -9.06
CA GLN A 314 -1.53 -13.05 -9.22
C GLN A 314 -2.22 -13.68 -8.02
N TRP A 315 -1.91 -13.18 -6.82
CA TRP A 315 -2.55 -13.71 -5.62
C TRP A 315 -4.02 -13.33 -5.59
N GLU A 316 -4.34 -12.10 -6.00
CA GLU A 316 -5.74 -11.71 -6.21
C GLU A 316 -6.45 -12.70 -7.12
N LYS A 317 -5.80 -13.06 -8.25
CA LYS A 317 -6.39 -14.05 -9.14
C LYS A 317 -6.65 -15.37 -8.41
N VAL A 318 -5.67 -15.83 -7.61
CA VAL A 318 -5.77 -17.08 -6.86
C VAL A 318 -6.78 -16.98 -5.74
N ILE A 319 -6.92 -15.81 -5.11
CA ILE A 319 -8.00 -15.63 -4.15
C ILE A 319 -9.34 -15.79 -4.85
N ARG A 320 -9.51 -15.08 -5.98
CA ARG A 320 -10.72 -15.12 -6.77
C ARG A 320 -10.88 -16.40 -7.61
N GLY A 321 -9.96 -17.37 -7.46
CA GLY A 321 -10.06 -18.71 -8.02
C GLY A 321 -10.05 -18.91 -9.52
N GLU A 322 -9.08 -18.33 -10.22
CA GLU A 322 -9.10 -18.34 -11.66
C GLU A 322 -8.12 -19.33 -12.29
N MET B 1 -6.70 28.31 -1.39
CA MET B 1 -7.00 27.31 -2.40
C MET B 1 -5.76 26.84 -3.18
N SER B 2 -5.34 25.61 -2.93
CA SER B 2 -4.16 25.05 -3.58
C SER B 2 -4.51 24.62 -4.99
N ILE B 3 -3.59 24.87 -5.91
CA ILE B 3 -3.74 24.61 -7.33
C ILE B 3 -2.51 23.82 -7.78
N CYS B 4 -2.70 22.95 -8.76
CA CYS B 4 -1.57 22.17 -9.23
C CYS B 4 -0.61 23.04 -10.05
N THR B 5 0.52 22.45 -10.41
CA THR B 5 1.53 23.10 -11.21
C THR B 5 1.28 22.87 -12.70
N SER B 6 2.06 23.55 -13.52
CA SER B 6 2.15 23.18 -14.94
C SER B 6 2.60 21.73 -15.08
N GLU B 7 3.81 21.45 -14.59
CA GLU B 7 4.45 20.15 -14.76
C GLU B 7 3.54 19.00 -14.34
N GLU B 8 2.74 19.20 -13.29
CA GLU B 8 1.84 18.15 -12.79
C GLU B 8 0.85 17.72 -13.86
N TRP B 9 0.07 18.68 -14.40
CA TRP B 9 -0.97 18.27 -15.33
C TRP B 9 -0.45 17.92 -16.71
N GLN B 10 0.82 18.24 -17.01
CA GLN B 10 1.38 17.78 -18.27
C GLN B 10 1.61 16.27 -18.23
N GLY B 11 2.03 15.76 -17.07
CA GLY B 11 2.29 14.33 -16.97
C GLY B 11 1.01 13.50 -17.01
N LEU B 12 -0.06 14.04 -16.41
CA LEU B 12 -1.36 13.36 -16.43
C LEU B 12 -1.90 13.22 -17.84
N MET B 13 -1.61 14.21 -18.71
CA MET B 13 -1.86 14.06 -20.14
C MET B 13 -1.12 12.85 -20.71
N GLN B 14 0.19 12.79 -20.47
CA GLN B 14 1.04 11.77 -21.05
C GLN B 14 0.75 10.36 -20.54
N PHE B 15 -0.13 10.20 -19.56
CA PHE B 15 -0.26 8.94 -18.83
C PHE B 15 -1.02 7.87 -19.61
N THR B 16 -0.51 6.65 -19.52
CA THR B 16 -1.02 5.50 -20.25
C THR B 16 -1.46 4.46 -19.26
N LEU B 17 -2.74 4.12 -19.27
CA LEU B 17 -3.25 3.05 -18.43
C LEU B 17 -2.76 1.74 -19.01
N PRO B 18 -1.96 0.96 -18.26
CA PRO B 18 -1.55 -0.36 -18.76
C PRO B 18 -2.73 -1.18 -19.24
N VAL B 19 -2.58 -1.73 -20.43
CA VAL B 19 -3.68 -2.46 -21.07
C VAL B 19 -4.13 -3.60 -20.17
N ARG B 20 -3.20 -4.19 -19.43
CA ARG B 20 -3.49 -5.24 -18.48
C ARG B 20 -4.18 -4.69 -17.21
N LEU B 21 -4.48 -3.39 -17.17
CA LEU B 21 -5.42 -2.84 -16.20
C LEU B 21 -6.80 -2.56 -16.77
N CYS B 22 -6.91 -2.33 -18.09
CA CYS B 22 -8.20 -2.14 -18.73
C CYS B 22 -9.21 -3.20 -18.26
N LYS B 23 -8.72 -4.42 -18.05
CA LYS B 23 -9.54 -5.57 -17.72
C LYS B 23 -9.76 -5.72 -16.21
N GLU B 24 -9.47 -4.70 -15.42
CA GLU B 24 -9.73 -4.84 -14.01
C GLU B 24 -10.49 -3.67 -13.42
N ILE B 25 -10.56 -2.53 -14.11
CA ILE B 25 -11.22 -1.35 -13.57
C ILE B 25 -12.73 -1.42 -13.70
N GLU B 26 -13.22 -2.38 -14.49
CA GLU B 26 -14.64 -2.68 -14.68
C GLU B 26 -15.21 -3.53 -13.56
N LEU B 27 -14.37 -4.16 -12.74
CA LEU B 27 -14.83 -5.02 -11.67
C LEU B 27 -15.01 -4.20 -10.40
N PHE B 28 -16.25 -4.13 -9.90
CA PHE B 28 -16.56 -3.46 -8.63
C PHE B 28 -15.48 -3.68 -7.58
N HIS B 29 -14.95 -4.88 -7.51
CA HIS B 29 -14.08 -5.25 -6.41
C HIS B 29 -12.65 -4.74 -6.58
N PHE B 30 -12.40 -3.95 -7.62
CA PHE B 30 -11.06 -3.48 -7.91
C PHE B 30 -10.47 -2.74 -6.71
N ASP B 31 -9.18 -2.91 -6.50
CA ASP B 31 -8.47 -2.21 -5.43
C ASP B 31 -7.37 -1.37 -6.04
N ILE B 32 -7.59 -0.07 -6.06
CA ILE B 32 -6.66 0.88 -6.67
C ILE B 32 -5.43 1.12 -5.83
N GLY B 33 -5.44 0.71 -4.56
CA GLY B 33 -4.39 1.00 -3.62
C GLY B 33 -2.98 0.95 -4.16
N PRO B 34 -2.56 -0.18 -4.76
CA PRO B 34 -1.16 -0.32 -5.19
C PRO B 34 -0.70 0.59 -6.32
N PHE B 35 -1.60 1.35 -6.97
CA PHE B 35 -1.23 2.18 -8.12
C PHE B 35 -1.39 3.67 -7.81
N GLU B 36 -0.72 4.15 -6.75
CA GLU B 36 -0.92 5.53 -6.29
C GLU B 36 -0.57 6.55 -7.36
N ASN B 37 0.49 6.28 -8.12
CA ASN B 37 0.87 7.27 -9.12
C ASN B 37 -0.07 7.23 -10.32
N MET B 38 -0.86 6.17 -10.48
CA MET B 38 -1.79 6.06 -11.61
C MET B 38 -3.21 6.55 -11.33
N TRP B 39 -3.53 6.94 -10.10
CA TRP B 39 -4.92 7.31 -9.76
C TRP B 39 -5.48 8.51 -10.52
N PRO B 40 -4.72 9.57 -10.84
CA PRO B 40 -5.36 10.62 -11.66
C PRO B 40 -5.76 10.09 -13.02
N GLY B 41 -4.82 9.49 -13.76
CA GLY B 41 -5.14 8.92 -15.05
C GLY B 41 -6.19 7.86 -14.99
N ILE B 42 -6.26 7.14 -13.86
CA ILE B 42 -7.37 6.20 -13.67
C ILE B 42 -8.70 6.95 -13.68
N PHE B 43 -8.73 8.16 -13.14
CA PHE B 43 -9.94 8.97 -13.22
C PHE B 43 -10.11 9.64 -14.58
N VAL B 44 -9.01 9.94 -15.26
CA VAL B 44 -9.11 10.37 -16.66
C VAL B 44 -9.66 9.23 -17.52
N TYR B 45 -9.07 8.05 -17.40
CA TYR B 45 -9.56 6.90 -18.16
C TYR B 45 -11.06 6.70 -17.91
N MET B 46 -11.45 6.67 -16.63
CA MET B 46 -12.82 6.38 -16.28
C MET B 46 -13.77 7.40 -16.87
N VAL B 47 -13.41 8.68 -16.75
CA VAL B 47 -14.22 9.73 -17.38
C VAL B 47 -14.36 9.48 -18.87
N HIS B 48 -13.23 9.28 -19.56
CA HIS B 48 -13.27 9.02 -21.01
C HIS B 48 -14.06 7.76 -21.34
N ARG B 49 -14.05 6.76 -20.45
CA ARG B 49 -14.77 5.55 -20.77
C ARG B 49 -16.27 5.72 -20.61
N SER B 50 -16.70 6.37 -19.54
CA SER B 50 -18.14 6.49 -19.34
C SER B 50 -18.75 7.60 -20.20
N CYS B 51 -17.99 8.67 -20.49
CA CYS B 51 -18.52 9.87 -21.14
C CYS B 51 -17.97 10.10 -22.54
N GLY B 52 -17.21 9.18 -23.08
CA GLY B 52 -16.53 9.42 -24.33
C GLY B 52 -15.23 10.17 -24.12
N THR B 53 -14.48 10.30 -25.21
CA THR B 53 -13.15 10.88 -25.12
C THR B 53 -13.14 12.40 -25.19
N SER B 54 -14.16 13.01 -25.78
CA SER B 54 -14.22 14.47 -25.92
C SER B 54 -15.09 15.13 -24.86
N CYS B 55 -15.46 14.41 -23.80
CA CYS B 55 -16.44 14.93 -22.85
C CYS B 55 -15.91 16.11 -22.06
N PHE B 56 -14.61 16.13 -21.75
CA PHE B 56 -14.01 17.28 -21.12
C PHE B 56 -12.76 17.68 -21.89
N GLU B 57 -12.56 18.98 -22.07
CA GLU B 57 -11.32 19.50 -22.61
C GLU B 57 -10.14 19.03 -21.73
N LEU B 58 -9.36 18.08 -22.26
CA LEU B 58 -8.41 17.32 -21.44
C LEU B 58 -7.41 18.22 -20.73
N GLU B 59 -7.16 19.42 -21.27
CA GLU B 59 -6.27 20.35 -20.56
C GLU B 59 -6.85 20.73 -19.20
N LYS B 60 -8.10 21.19 -19.18
CA LYS B 60 -8.69 21.60 -17.92
C LYS B 60 -8.95 20.42 -17.01
N LEU B 61 -9.43 19.29 -17.59
CA LEU B 61 -9.71 18.10 -16.81
C LEU B 61 -8.47 17.61 -16.08
N CYS B 62 -7.34 17.58 -16.77
CA CYS B 62 -6.11 17.23 -16.08
C CYS B 62 -5.75 18.29 -15.04
N ARG B 63 -6.15 19.55 -15.26
CA ARG B 63 -5.89 20.54 -14.23
C ARG B 63 -6.78 20.23 -13.04
N PHE B 64 -8.08 20.35 -13.24
CA PHE B 64 -9.07 20.07 -12.21
C PHE B 64 -8.66 18.88 -11.35
N ILE B 65 -8.38 17.74 -11.99
CA ILE B 65 -7.99 16.54 -11.26
C ILE B 65 -6.80 16.83 -10.36
N MET B 66 -5.68 17.25 -10.97
CA MET B 66 -4.45 17.46 -10.22
C MET B 66 -4.53 18.61 -9.21
N SER B 67 -5.60 19.43 -9.24
CA SER B 67 -5.86 20.42 -8.20
C SER B 67 -6.87 19.96 -7.16
N VAL B 68 -7.63 18.89 -7.46
CA VAL B 68 -8.43 18.27 -6.40
C VAL B 68 -7.52 17.45 -5.47
N LYS B 69 -6.54 16.73 -6.04
CA LYS B 69 -5.60 15.95 -5.25
C LYS B 69 -4.84 16.82 -4.27
N LYS B 70 -4.45 18.02 -4.71
CA LYS B 70 -3.62 18.93 -3.92
C LYS B 70 -4.37 19.51 -2.72
N ASN B 71 -5.70 19.69 -2.82
CA ASN B 71 -6.52 20.20 -1.74
C ASN B 71 -7.16 19.11 -0.89
N TYR B 72 -6.81 17.86 -1.11
CA TYR B 72 -7.03 16.84 -0.10
C TYR B 72 -5.85 16.90 0.86
N ARG B 73 -6.15 16.81 2.15
CA ARG B 73 -5.10 16.77 3.18
C ARG B 73 -4.66 15.32 3.38
N ARG B 74 -3.81 15.09 4.39
CA ARG B 74 -3.20 13.77 4.61
C ARG B 74 -3.66 13.21 5.94
N VAL B 75 -4.92 12.80 6.00
CA VAL B 75 -5.51 12.17 7.18
C VAL B 75 -5.56 10.67 6.93
N PRO B 76 -5.64 9.84 7.97
CA PRO B 76 -5.59 8.39 7.79
C PRO B 76 -6.60 7.78 6.80
N TYR B 77 -7.71 8.48 6.51
CA TYR B 77 -8.78 7.89 5.71
C TYR B 77 -9.40 8.88 4.72
N HIS B 78 -10.14 9.87 5.22
CA HIS B 78 -10.87 10.78 4.33
C HIS B 78 -9.94 11.65 3.49
N ASN B 79 -9.22 11.06 2.53
CA ASN B 79 -8.19 11.77 1.75
C ASN B 79 -8.25 11.28 0.29
N TRP B 80 -7.28 11.75 -0.51
CA TRP B 80 -7.21 11.50 -1.96
C TRP B 80 -7.56 10.07 -2.38
N LYS B 81 -6.84 9.08 -1.85
CA LYS B 81 -7.07 7.68 -2.19
C LYS B 81 -8.54 7.30 -2.03
N HIS B 82 -9.16 7.72 -0.92
CA HIS B 82 -10.59 7.54 -0.74
C HIS B 82 -11.37 8.13 -1.91
N ALA B 83 -11.08 9.38 -2.24
CA ALA B 83 -11.80 10.00 -3.34
C ALA B 83 -11.73 9.14 -4.58
N VAL B 84 -10.58 8.53 -4.83
CA VAL B 84 -10.46 7.80 -6.08
C VAL B 84 -11.16 6.44 -5.98
N THR B 85 -11.23 5.88 -4.79
CA THR B 85 -11.99 4.66 -4.56
C THR B 85 -13.48 4.90 -4.75
N VAL B 86 -13.98 6.02 -4.23
CA VAL B 86 -15.38 6.38 -4.40
C VAL B 86 -15.63 6.81 -5.83
N ALA B 87 -14.60 7.29 -6.53
CA ALA B 87 -14.75 7.60 -7.94
C ALA B 87 -14.87 6.35 -8.78
N HIS B 88 -14.20 5.26 -8.39
CA HIS B 88 -14.23 4.05 -9.21
C HIS B 88 -15.48 3.24 -8.96
N CYS B 89 -16.05 3.26 -7.76
CA CYS B 89 -17.27 2.47 -7.58
C CYS B 89 -18.40 3.04 -8.40
N MET B 90 -18.50 4.37 -8.45
CA MET B 90 -19.50 5.04 -9.28
C MET B 90 -19.40 4.59 -10.75
N TYR B 91 -18.16 4.40 -11.22
CA TYR B 91 -17.93 3.96 -12.59
C TYR B 91 -18.54 2.59 -12.84
N ALA B 92 -18.22 1.64 -11.96
CA ALA B 92 -18.74 0.30 -12.10
C ALA B 92 -20.25 0.27 -11.87
N ILE B 93 -20.76 1.12 -10.97
CA ILE B 93 -22.20 1.28 -10.90
C ILE B 93 -22.69 1.89 -12.20
N LEU B 94 -22.03 2.96 -12.66
CA LEU B 94 -22.49 3.66 -13.85
C LEU B 94 -22.43 2.75 -15.08
N GLN B 95 -21.22 2.33 -15.45
CA GLN B 95 -21.05 1.46 -16.61
C GLN B 95 -22.11 0.38 -16.66
N ASN B 96 -22.16 -0.49 -15.63
CA ASN B 96 -23.10 -1.60 -15.58
C ASN B 96 -24.57 -1.22 -15.63
N ASN B 97 -24.88 0.08 -15.57
CA ASN B 97 -26.25 0.59 -15.62
C ASN B 97 -26.26 1.82 -16.52
N HIS B 98 -25.61 1.71 -17.68
CA HIS B 98 -25.09 2.91 -18.33
C HIS B 98 -26.20 3.83 -18.81
N THR B 99 -27.01 3.36 -19.75
CA THR B 99 -27.96 4.29 -20.35
C THR B 99 -29.11 4.64 -19.42
N LEU B 100 -29.13 4.05 -18.22
CA LEU B 100 -30.07 4.49 -17.18
C LEU B 100 -29.94 5.97 -16.87
N PHE B 101 -28.74 6.53 -17.08
CA PHE B 101 -28.43 7.88 -16.66
C PHE B 101 -28.03 8.73 -17.87
N THR B 102 -28.07 10.04 -17.65
CA THR B 102 -27.84 11.07 -18.65
C THR B 102 -26.38 11.47 -18.67
N ASP B 103 -25.99 12.20 -19.72
CA ASP B 103 -24.59 12.59 -19.82
C ASP B 103 -24.17 13.48 -18.68
N LEU B 104 -25.00 14.47 -18.34
CA LEU B 104 -24.59 15.38 -17.27
C LEU B 104 -24.51 14.65 -15.94
N GLU B 105 -25.30 13.56 -15.78
CA GLU B 105 -25.27 12.83 -14.52
C GLU B 105 -24.06 11.93 -14.45
N ARG B 106 -23.79 11.18 -15.52
CA ARG B 106 -22.50 10.53 -15.63
C ARG B 106 -21.37 11.54 -15.43
N LYS B 107 -21.37 12.62 -16.23
CA LYS B 107 -20.45 13.74 -15.97
C LYS B 107 -20.48 14.16 -14.51
N GLY B 108 -21.68 14.26 -13.92
CA GLY B 108 -21.86 14.89 -12.63
C GLY B 108 -21.49 14.02 -11.46
N LEU B 109 -21.97 12.79 -11.46
CA LEU B 109 -21.73 11.90 -10.34
C LEU B 109 -20.25 11.52 -10.20
N LEU B 110 -19.48 11.54 -11.30
CA LEU B 110 -18.06 11.18 -11.16
C LEU B 110 -17.24 12.38 -10.74
N ILE B 111 -17.55 13.55 -11.30
CA ILE B 111 -16.88 14.80 -10.92
C ILE B 111 -16.98 15.03 -9.42
N ALA B 112 -18.16 14.80 -8.85
CA ALA B 112 -18.36 15.07 -7.44
C ALA B 112 -17.94 13.90 -6.54
N CYS B 113 -17.94 12.66 -7.02
CA CYS B 113 -17.31 11.58 -6.23
C CYS B 113 -15.83 11.87 -6.01
N LEU B 114 -15.13 12.32 -7.05
CA LEU B 114 -13.75 12.76 -6.86
C LEU B 114 -13.65 13.84 -5.80
N CYS B 115 -14.64 14.72 -5.73
CA CYS B 115 -14.57 15.90 -4.88
C CYS B 115 -15.27 15.74 -3.53
N HIS B 116 -16.13 14.73 -3.38
CA HIS B 116 -17.19 14.74 -2.37
C HIS B 116 -16.69 14.91 -0.93
N ASP B 117 -15.42 14.64 -0.64
CA ASP B 117 -14.86 14.83 0.69
C ASP B 117 -13.69 15.81 0.66
N LEU B 118 -13.79 16.84 -0.18
CA LEU B 118 -12.66 17.72 -0.42
C LEU B 118 -12.29 18.52 0.83
N ASP B 119 -10.99 18.51 1.13
CA ASP B 119 -10.42 19.17 2.30
C ASP B 119 -11.10 18.73 3.59
N HIS B 120 -11.12 17.41 3.79
CA HIS B 120 -11.59 16.84 5.03
C HIS B 120 -10.50 16.98 6.09
N ARG B 121 -10.87 17.45 7.26
CA ARG B 121 -9.91 17.62 8.34
C ARG B 121 -9.74 16.36 9.17
N GLY B 122 -10.40 15.27 8.84
CA GLY B 122 -10.34 14.13 9.71
C GLY B 122 -11.15 14.28 10.97
N PHE B 123 -12.20 15.12 10.94
CA PHE B 123 -13.08 15.34 12.08
C PHE B 123 -14.53 15.32 11.61
N SER B 124 -15.38 14.73 12.46
CA SER B 124 -16.74 14.38 12.09
C SER B 124 -17.67 15.59 12.21
N ASN B 125 -18.92 15.38 11.82
CA ASN B 125 -19.89 16.47 11.87
C ASN B 125 -20.30 16.76 13.31
N SER B 126 -20.34 15.75 14.17
CA SER B 126 -20.67 16.02 15.57
C SER B 126 -19.63 16.94 16.20
N TYR B 127 -18.35 16.67 15.94
CA TYR B 127 -17.23 17.43 16.50
C TYR B 127 -17.17 18.90 16.05
N LEU B 128 -17.96 19.32 15.06
CA LEU B 128 -17.86 20.69 14.59
C LEU B 128 -18.88 21.62 15.27
N GLN B 129 -20.14 21.16 15.32
CA GLN B 129 -21.17 21.89 16.03
C GLN B 129 -21.03 21.73 17.55
N LYS B 130 -20.53 20.58 17.99
CA LYS B 130 -20.06 20.37 19.34
C LYS B 130 -19.25 21.55 19.82
N PHE B 131 -18.13 21.76 19.13
CA PHE B 131 -17.10 22.70 19.54
C PHE B 131 -17.24 24.07 18.90
N ASP B 132 -18.40 24.38 18.34
CA ASP B 132 -18.61 25.65 17.66
C ASP B 132 -17.47 25.91 16.68
N HIS B 133 -17.15 24.91 15.87
CA HIS B 133 -16.23 25.17 14.77
C HIS B 133 -16.85 26.21 13.84
N PRO B 134 -16.02 27.14 13.27
CA PRO B 134 -16.52 28.07 12.25
C PRO B 134 -17.46 27.41 11.25
N LEU B 135 -16.94 26.41 10.52
CA LEU B 135 -17.74 25.72 9.51
C LEU B 135 -19.12 25.33 10.02
N ALA B 136 -19.20 24.84 11.27
CA ALA B 136 -20.51 24.55 11.86
C ALA B 136 -21.33 25.81 12.07
N ALA B 137 -20.69 26.97 12.15
CA ALA B 137 -21.47 28.19 12.24
C ALA B 137 -22.01 28.59 10.87
N LEU B 138 -21.16 28.59 9.84
CA LEU B 138 -21.64 28.98 8.52
C LEU B 138 -22.57 27.93 7.94
N TYR B 139 -22.26 26.63 8.11
CA TYR B 139 -23.08 25.53 7.58
C TYR B 139 -23.87 24.88 8.72
N SER B 140 -25.20 24.87 8.59
CA SER B 140 -26.05 24.45 9.71
C SER B 140 -25.94 22.96 9.95
N THR B 141 -26.39 22.16 8.98
CA THR B 141 -26.43 20.72 9.10
C THR B 141 -25.83 20.07 7.86
N SER B 142 -25.21 18.91 8.06
CA SER B 142 -24.36 18.29 7.04
C SER B 142 -23.14 19.18 6.76
N THR B 143 -22.43 19.47 7.85
CA THR B 143 -21.55 20.63 7.93
C THR B 143 -20.38 20.55 6.97
N MET B 144 -19.79 19.38 6.83
CA MET B 144 -18.58 19.33 6.03
C MET B 144 -18.82 18.87 4.62
N GLU B 145 -19.89 18.12 4.38
CA GLU B 145 -20.35 17.91 3.01
C GLU B 145 -20.58 19.25 2.31
N GLN B 146 -21.33 20.15 2.95
CA GLN B 146 -21.54 21.49 2.38
C GLN B 146 -20.21 22.20 2.13
N HIS B 147 -19.28 22.11 3.08
CA HIS B 147 -17.92 22.61 2.84
C HIS B 147 -17.28 21.90 1.65
N HIS B 148 -17.63 20.63 1.41
CA HIS B 148 -17.04 19.90 0.30
C HIS B 148 -17.59 20.41 -1.03
N PHE B 149 -18.91 20.60 -1.13
CA PHE B 149 -19.45 21.23 -2.32
C PHE B 149 -18.84 22.63 -2.53
N SER B 150 -18.70 23.40 -1.45
CA SER B 150 -18.08 24.72 -1.57
C SER B 150 -16.65 24.63 -2.10
N GLN B 151 -15.90 23.62 -1.67
CA GLN B 151 -14.55 23.48 -2.18
C GLN B 151 -14.56 23.18 -3.67
N THR B 152 -15.37 22.19 -4.07
CA THR B 152 -15.56 21.86 -5.48
C THR B 152 -15.69 23.15 -6.29
N VAL B 153 -16.69 23.95 -5.94
CA VAL B 153 -17.02 25.16 -6.68
C VAL B 153 -15.80 26.07 -6.80
N SER B 154 -15.02 26.15 -5.72
CA SER B 154 -13.79 26.94 -5.78
C SER B 154 -12.90 26.44 -6.90
N ILE B 155 -12.74 25.11 -6.99
CA ILE B 155 -11.74 24.53 -7.87
C ILE B 155 -11.96 24.92 -9.33
N LEU B 156 -13.23 24.93 -9.77
CA LEU B 156 -13.50 25.29 -11.16
C LEU B 156 -13.14 26.74 -11.42
N GLN B 157 -13.37 27.59 -10.43
CA GLN B 157 -13.11 29.01 -10.59
C GLN B 157 -11.63 29.27 -10.35
N LEU B 158 -10.80 28.55 -11.06
CA LEU B 158 -9.40 28.93 -11.25
C LEU B 158 -9.17 29.01 -12.76
N GLU B 159 -8.15 29.75 -13.15
CA GLU B 159 -7.88 29.87 -14.58
C GLU B 159 -7.67 28.47 -15.16
N GLY B 160 -8.36 28.20 -16.26
CA GLY B 160 -8.17 26.93 -16.94
C GLY B 160 -8.73 25.72 -16.23
N HIS B 161 -9.49 25.89 -15.14
CA HIS B 161 -9.99 24.73 -14.42
C HIS B 161 -11.44 24.41 -14.75
N ASN B 162 -12.32 25.41 -14.75
CA ASN B 162 -13.71 25.23 -15.13
C ASN B 162 -13.85 24.35 -16.37
N ILE B 163 -14.01 23.04 -16.13
CA ILE B 163 -14.29 22.06 -17.19
C ILE B 163 -15.69 22.23 -17.72
N PHE B 164 -16.59 22.71 -16.89
CA PHE B 164 -17.98 22.84 -17.31
C PHE B 164 -18.23 24.10 -18.15
N SER B 165 -17.18 24.87 -18.47
CA SER B 165 -17.36 26.16 -19.10
C SER B 165 -18.14 26.02 -20.39
N THR B 166 -17.58 25.30 -21.35
CA THR B 166 -18.26 25.04 -22.61
C THR B 166 -19.57 24.30 -22.41
N LEU B 167 -20.35 24.70 -21.40
CA LEU B 167 -21.74 24.32 -21.22
C LEU B 167 -22.59 25.58 -21.04
N SER B 168 -23.75 25.61 -21.71
CA SER B 168 -24.77 26.64 -21.47
C SER B 168 -25.02 26.84 -19.99
N SER B 169 -25.45 28.05 -19.62
CA SER B 169 -25.75 28.31 -18.22
C SER B 169 -26.77 27.31 -17.66
N SER B 170 -27.65 26.76 -18.50
CA SER B 170 -28.67 25.83 -18.03
C SER B 170 -28.07 24.47 -17.66
N GLU B 171 -27.27 23.89 -18.57
CA GLU B 171 -26.49 22.72 -18.23
C GLU B 171 -25.66 22.99 -16.96
N TYR B 172 -24.98 24.14 -16.91
CA TYR B 172 -24.06 24.43 -15.82
C TYR B 172 -24.79 24.54 -14.49
N GLU B 173 -25.91 25.28 -14.46
CA GLU B 173 -26.67 25.32 -13.22
C GLU B 173 -27.30 23.96 -12.95
N GLN B 174 -27.65 23.19 -13.99
CA GLN B 174 -28.28 21.88 -13.77
C GLN B 174 -27.28 20.88 -13.20
N VAL B 175 -26.11 20.77 -13.83
CA VAL B 175 -25.14 19.80 -13.35
C VAL B 175 -24.63 20.19 -11.97
N LEU B 176 -24.53 21.48 -11.68
CA LEU B 176 -24.10 21.83 -10.34
C LEU B 176 -25.15 21.47 -9.30
N GLU B 177 -26.42 21.45 -9.67
CA GLU B 177 -27.41 20.90 -8.75
C GLU B 177 -27.23 19.40 -8.61
N ILE B 178 -26.83 18.70 -9.68
CA ILE B 178 -26.54 17.28 -9.56
C ILE B 178 -25.43 17.08 -8.53
N ILE B 179 -24.30 17.76 -8.75
CA ILE B 179 -23.08 17.55 -7.98
C ILE B 179 -23.30 17.89 -6.52
N ARG B 180 -24.00 18.99 -6.26
CA ARG B 180 -24.24 19.40 -4.89
C ARG B 180 -25.01 18.33 -4.14
N LYS B 181 -26.21 17.97 -4.64
CA LYS B 181 -27.01 16.89 -4.06
C LYS B 181 -26.17 15.65 -3.80
N ALA B 182 -25.40 15.23 -4.80
CA ALA B 182 -24.54 14.07 -4.65
C ALA B 182 -23.58 14.24 -3.46
N ILE B 183 -22.92 15.39 -3.36
CA ILE B 183 -21.97 15.62 -2.26
C ILE B 183 -22.70 15.86 -0.93
N ILE B 184 -23.90 16.45 -0.96
CA ILE B 184 -24.66 16.59 0.29
C ILE B 184 -25.07 15.22 0.82
N ALA B 185 -25.22 14.25 -0.08
CA ALA B 185 -25.71 12.91 0.29
C ALA B 185 -24.65 12.03 0.92
N THR B 186 -23.37 12.37 0.82
CA THR B 186 -22.35 11.58 1.46
C THR B 186 -22.31 11.79 2.98
N ASP B 187 -23.35 12.45 3.53
CA ASP B 187 -23.61 12.49 4.96
C ASP B 187 -24.52 11.33 5.31
N LEU B 188 -24.13 10.54 6.30
CA LEU B 188 -24.75 9.23 6.46
C LEU B 188 -25.97 9.22 7.37
N ALA B 189 -26.15 10.22 8.24
CA ALA B 189 -27.43 10.27 8.90
C ALA B 189 -28.54 10.56 7.89
N LEU B 190 -28.20 11.30 6.82
CA LEU B 190 -29.13 11.55 5.73
C LEU B 190 -29.49 10.28 4.99
N TYR B 191 -28.63 9.25 5.06
CA TYR B 191 -28.80 8.04 4.27
C TYR B 191 -29.88 7.15 4.85
N PHE B 192 -29.93 7.07 6.18
CA PHE B 192 -31.03 6.36 6.83
C PHE B 192 -32.36 6.95 6.39
N GLY B 193 -32.51 8.28 6.51
CA GLY B 193 -33.67 8.95 5.96
C GLY B 193 -33.93 8.57 4.52
N ASN B 194 -32.87 8.33 3.75
CA ASN B 194 -32.98 8.01 2.33
C ASN B 194 -33.37 6.56 2.08
N ARG B 195 -32.63 5.61 2.66
CA ARG B 195 -32.78 4.20 2.27
C ARG B 195 -34.13 3.63 2.70
N LYS B 196 -34.61 3.99 3.90
CA LYS B 196 -35.94 3.55 4.30
C LYS B 196 -36.93 3.89 3.22
N GLN B 197 -36.95 5.16 2.80
CA GLN B 197 -37.89 5.61 1.80
C GLN B 197 -37.71 4.87 0.49
N LEU B 198 -36.48 4.76 -0.01
CA LEU B 198 -36.30 4.07 -1.28
C LEU B 198 -36.72 2.61 -1.21
N GLU B 199 -36.68 1.97 -0.03
CA GLU B 199 -37.18 0.60 0.04
C GLU B 199 -38.70 0.57 0.16
N GLU B 200 -39.27 1.43 1.00
CA GLU B 200 -40.72 1.65 0.96
C GLU B 200 -41.19 1.90 -0.47
N MET B 201 -40.58 2.87 -1.15
CA MET B 201 -40.85 3.10 -2.56
C MET B 201 -40.68 1.83 -3.38
N TYR B 202 -39.79 0.93 -2.96
CA TYR B 202 -39.58 -0.28 -3.74
C TYR B 202 -40.72 -1.27 -3.53
N GLN B 203 -40.83 -1.83 -2.32
CA GLN B 203 -41.81 -2.87 -2.02
C GLN B 203 -43.24 -2.41 -2.25
N THR B 204 -43.47 -1.10 -2.35
CA THR B 204 -44.79 -0.56 -2.66
C THR B 204 -44.84 -0.11 -4.12
N GLY B 205 -44.17 -0.84 -5.01
CA GLY B 205 -44.19 -0.61 -6.45
C GLY B 205 -44.06 0.81 -6.97
N SER B 206 -44.13 1.80 -6.07
CA SER B 206 -44.32 3.20 -6.42
C SER B 206 -43.03 3.90 -6.89
N LEU B 207 -41.91 3.20 -6.99
CA LEU B 207 -40.68 3.82 -7.46
C LEU B 207 -40.72 4.01 -8.98
N ASN B 208 -40.14 5.11 -9.45
CA ASN B 208 -40.13 5.41 -10.88
C ASN B 208 -39.00 6.37 -11.17
N LEU B 209 -38.08 5.95 -12.05
CA LEU B 209 -36.81 6.61 -12.28
C LEU B 209 -36.92 7.90 -13.07
N ASN B 210 -38.12 8.25 -13.54
CA ASN B 210 -38.39 9.52 -14.17
C ASN B 210 -39.16 10.45 -13.24
N ASN B 211 -39.26 10.08 -11.96
CA ASN B 211 -39.64 10.97 -10.88
C ASN B 211 -38.34 11.62 -10.40
N GLN B 212 -38.18 12.91 -10.70
CA GLN B 212 -36.98 13.61 -10.27
C GLN B 212 -36.70 13.29 -8.80
N SER B 213 -37.66 13.57 -7.92
CA SER B 213 -37.38 13.37 -6.49
C SER B 213 -36.97 11.92 -6.18
N HIS B 214 -37.28 10.96 -7.05
CA HIS B 214 -36.79 9.60 -6.89
C HIS B 214 -35.41 9.42 -7.48
N ARG B 215 -35.08 10.17 -8.53
CA ARG B 215 -33.75 10.07 -9.12
C ARG B 215 -32.69 10.50 -8.11
N ASP B 216 -32.90 11.67 -7.48
CA ASP B 216 -31.95 12.16 -6.49
C ASP B 216 -31.74 11.14 -5.37
N ARG B 217 -32.83 10.60 -4.82
CA ARG B 217 -32.73 9.60 -3.77
C ARG B 217 -31.97 8.38 -4.25
N VAL B 218 -32.29 7.87 -5.45
CA VAL B 218 -31.54 6.76 -6.04
C VAL B 218 -30.10 7.17 -6.27
N ILE B 219 -29.87 8.42 -6.67
CA ILE B 219 -28.51 8.89 -6.83
C ILE B 219 -27.81 8.96 -5.49
N GLY B 220 -28.46 9.57 -4.49
CA GLY B 220 -27.85 9.68 -3.17
C GLY B 220 -27.43 8.33 -2.61
N LEU B 221 -28.31 7.32 -2.73
CA LEU B 221 -27.99 5.96 -2.30
C LEU B 221 -26.73 5.44 -2.99
N MET B 222 -26.61 5.70 -4.31
CA MET B 222 -25.40 5.36 -5.04
C MET B 222 -24.19 6.06 -4.44
N MET B 223 -24.32 7.38 -4.24
CA MET B 223 -23.30 8.13 -3.50
C MET B 223 -23.00 7.49 -2.16
N THR B 224 -23.98 6.82 -1.54
CA THR B 224 -23.74 6.06 -0.31
C THR B 224 -23.14 4.68 -0.60
N ALA B 225 -23.67 3.98 -1.60
CA ALA B 225 -23.04 2.73 -1.98
C ALA B 225 -21.58 2.94 -2.33
N CYS B 226 -21.28 4.01 -3.07
CA CYS B 226 -19.89 4.28 -3.42
C CYS B 226 -19.06 4.74 -2.22
N ASP B 227 -19.63 5.57 -1.34
CA ASP B 227 -18.87 6.07 -0.19
C ASP B 227 -18.37 4.94 0.72
N LEU B 228 -19.05 3.80 0.72
CA LEU B 228 -18.71 2.68 1.59
C LEU B 228 -18.11 1.50 0.83
N CYS B 229 -17.69 1.69 -0.43
CA CYS B 229 -17.29 0.55 -1.25
C CYS B 229 -16.10 -0.23 -0.68
N SER B 230 -15.40 0.31 0.32
CA SER B 230 -14.26 -0.44 0.81
C SER B 230 -14.70 -1.66 1.61
N VAL B 231 -15.97 -1.72 2.00
CA VAL B 231 -16.52 -2.95 2.58
C VAL B 231 -16.96 -3.95 1.52
N THR B 232 -16.81 -3.63 0.24
CA THR B 232 -17.11 -4.52 -0.87
C THR B 232 -15.86 -5.06 -1.55
N LYS B 233 -14.73 -5.03 -0.86
CA LYS B 233 -13.44 -5.51 -1.35
C LYS B 233 -13.14 -6.89 -0.75
N LEU B 234 -12.01 -7.44 -1.19
CA LEU B 234 -11.47 -8.66 -0.60
C LEU B 234 -11.12 -8.39 0.86
N TRP B 235 -11.29 -9.40 1.70
CA TRP B 235 -11.14 -9.25 3.14
C TRP B 235 -9.83 -8.60 3.59
N PRO B 236 -8.66 -8.88 2.98
CA PRO B 236 -7.45 -8.16 3.40
C PRO B 236 -7.51 -6.66 3.15
N VAL B 237 -7.97 -6.24 1.97
CA VAL B 237 -8.02 -4.81 1.68
C VAL B 237 -8.93 -4.12 2.68
N THR B 238 -10.14 -4.67 2.83
CA THR B 238 -11.12 -4.10 3.75
C THR B 238 -10.59 -4.11 5.19
N LYS B 239 -9.72 -5.06 5.51
CA LYS B 239 -9.16 -5.11 6.86
C LYS B 239 -8.25 -3.91 7.10
N LEU B 240 -7.31 -3.64 6.19
CA LEU B 240 -6.40 -2.51 6.36
C LEU B 240 -7.11 -1.18 6.22
N THR B 241 -8.11 -1.08 5.33
CA THR B 241 -8.91 0.15 5.23
C THR B 241 -9.67 0.43 6.52
N ALA B 242 -9.94 -0.60 7.32
CA ALA B 242 -10.58 -0.37 8.62
C ALA B 242 -9.66 0.39 9.55
N ASN B 243 -8.38 0.00 9.61
CA ASN B 243 -7.44 0.68 10.49
C ASN B 243 -7.22 2.11 10.05
N ASP B 244 -7.33 2.37 8.75
CA ASP B 244 -7.39 3.74 8.28
C ASP B 244 -8.54 4.48 8.97
N ILE B 245 -9.77 3.99 8.81
CA ILE B 245 -10.95 4.63 9.38
C ILE B 245 -10.78 4.88 10.87
N TYR B 246 -10.33 3.86 11.59
CA TYR B 246 -10.25 3.93 13.05
C TYR B 246 -9.16 4.88 13.51
N ALA B 247 -8.04 4.95 12.79
CA ALA B 247 -7.01 5.91 13.15
C ALA B 247 -7.59 7.32 13.19
N GLU B 248 -8.54 7.59 12.29
CA GLU B 248 -9.17 8.91 12.19
C GLU B 248 -10.12 9.17 13.35
N PHE B 249 -10.97 8.19 13.66
CA PHE B 249 -11.88 8.33 14.78
C PHE B 249 -11.13 8.57 16.09
N TRP B 250 -10.12 7.72 16.35
CA TRP B 250 -9.44 7.70 17.64
C TRP B 250 -8.65 8.98 17.91
N ALA B 251 -8.17 9.66 16.85
CA ALA B 251 -7.52 10.95 17.07
C ALA B 251 -8.55 12.05 17.34
N GLU B 252 -9.67 12.04 16.61
CA GLU B 252 -10.81 12.87 17.01
C GLU B 252 -11.28 12.49 18.40
N GLY B 253 -11.17 11.20 18.76
CA GLY B 253 -11.51 10.78 20.10
C GLY B 253 -10.56 11.34 21.14
N ASP B 254 -9.27 11.39 20.82
CA ASP B 254 -8.33 12.02 21.74
C ASP B 254 -8.72 13.48 21.99
N GLU B 255 -8.94 14.25 20.93
CA GLU B 255 -9.23 15.67 21.09
C GLU B 255 -10.43 15.91 22.01
N MET B 256 -11.35 14.95 22.10
CA MET B 256 -12.38 15.02 23.12
C MET B 256 -11.77 14.82 24.51
N LYS B 257 -10.83 13.88 24.65
CA LYS B 257 -10.30 13.54 25.96
C LYS B 257 -9.31 14.59 26.48
N LYS B 258 -8.63 15.32 25.57
CA LYS B 258 -7.85 16.49 26.00
C LYS B 258 -8.73 17.60 26.58
N LEU B 259 -10.00 17.68 26.17
CA LEU B 259 -10.94 18.63 26.77
C LEU B 259 -11.69 18.03 27.95
N GLY B 260 -11.70 16.72 28.06
CA GLY B 260 -12.30 16.06 29.19
C GLY B 260 -13.63 15.40 28.91
N ILE B 261 -13.98 15.23 27.65
CA ILE B 261 -15.23 14.57 27.27
C ILE B 261 -14.93 13.12 26.95
N GLN B 262 -15.81 12.22 27.39
CA GLN B 262 -15.66 10.83 26.98
C GLN B 262 -16.06 10.71 25.52
N PRO B 263 -15.21 10.15 24.66
CA PRO B 263 -15.59 9.96 23.26
C PRO B 263 -16.71 8.92 23.14
N ILE B 264 -17.22 8.73 21.94
CA ILE B 264 -18.13 7.60 21.73
C ILE B 264 -17.24 6.37 21.57
N PRO B 265 -17.78 5.14 21.66
CA PRO B 265 -16.88 3.98 21.68
C PRO B 265 -16.16 3.74 20.37
N MET B 266 -16.78 4.03 19.23
CA MET B 266 -16.04 3.79 18.00
C MET B 266 -14.90 4.79 17.82
N MET B 267 -14.97 5.94 18.48
CA MET B 267 -13.91 6.94 18.49
C MET B 267 -13.08 6.88 19.77
N ASP B 268 -13.07 5.74 20.45
CA ASP B 268 -12.36 5.58 21.71
C ASP B 268 -11.37 4.41 21.59
N ARG B 269 -10.09 4.74 21.47
CA ARG B 269 -9.04 3.74 21.32
C ARG B 269 -8.88 2.84 22.54
N ASP B 270 -9.44 3.22 23.69
CA ASP B 270 -9.48 2.28 24.81
C ASP B 270 -10.39 1.08 24.56
N LYS B 271 -11.37 1.20 23.65
CA LYS B 271 -12.36 0.14 23.42
C LYS B 271 -12.10 -0.61 22.11
N LYS B 272 -10.90 -1.22 21.98
CA LYS B 272 -10.62 -1.96 20.76
C LYS B 272 -11.13 -3.37 20.82
N ASP B 273 -11.43 -3.88 22.01
CA ASP B 273 -11.94 -5.24 22.10
C ASP B 273 -13.27 -5.36 21.41
N GLU B 274 -14.09 -4.32 21.45
CA GLU B 274 -15.40 -4.37 20.81
C GLU B 274 -15.34 -3.93 19.36
N VAL B 275 -14.16 -3.76 18.79
CA VAL B 275 -14.08 -3.43 17.37
C VAL B 275 -14.89 -4.44 16.57
N PRO B 276 -14.62 -5.75 16.67
CA PRO B 276 -15.33 -6.70 15.79
C PRO B 276 -16.84 -6.69 15.98
N GLN B 277 -17.30 -6.49 17.22
CA GLN B 277 -18.71 -6.23 17.44
C GLN B 277 -19.16 -4.92 16.80
N GLY B 278 -18.26 -3.93 16.73
CA GLY B 278 -18.55 -2.61 16.19
C GLY B 278 -18.72 -2.57 14.68
N GLN B 279 -17.84 -3.27 13.97
CA GLN B 279 -18.05 -3.55 12.56
C GLN B 279 -19.31 -4.40 12.35
N LEU B 280 -19.47 -5.45 13.15
CA LEU B 280 -20.67 -6.28 13.01
C LEU B 280 -21.92 -5.41 13.05
N GLY B 281 -21.97 -4.47 13.98
CA GLY B 281 -23.07 -3.52 13.97
C GLY B 281 -23.16 -2.76 12.67
N PHE B 282 -22.02 -2.25 12.20
CA PHE B 282 -22.02 -1.41 11.00
C PHE B 282 -22.46 -2.18 9.77
N TYR B 283 -22.04 -3.43 9.63
CA TYR B 283 -22.50 -4.18 8.46
C TYR B 283 -23.99 -4.52 8.59
N ASN B 284 -24.43 -4.93 9.79
CA ASN B 284 -25.83 -5.29 9.97
C ASN B 284 -26.73 -4.07 9.84
N ALA B 285 -26.41 -2.99 10.57
CA ALA B 285 -27.30 -1.84 10.66
C ALA B 285 -27.14 -0.83 9.51
N VAL B 286 -26.04 -0.87 8.76
CA VAL B 286 -25.76 0.17 7.78
C VAL B 286 -25.39 -0.40 6.41
N ALA B 287 -24.34 -1.24 6.35
CA ALA B 287 -23.75 -1.61 5.07
C ALA B 287 -24.69 -2.50 4.24
N ILE B 288 -25.16 -3.61 4.80
CA ILE B 288 -26.03 -4.50 4.04
C ILE B 288 -27.33 -3.82 3.61
N PRO B 289 -28.03 -3.06 4.47
CA PRO B 289 -29.12 -2.21 3.97
C PRO B 289 -28.76 -1.38 2.74
N CYS B 290 -27.54 -0.88 2.67
CA CYS B 290 -27.21 -0.01 1.54
C CYS B 290 -27.21 -0.77 0.22
N TYR B 291 -26.53 -1.91 0.17
CA TYR B 291 -26.36 -2.60 -1.10
C TYR B 291 -27.52 -3.53 -1.43
N THR B 292 -28.30 -3.97 -0.44
CA THR B 292 -29.51 -4.73 -0.73
C THR B 292 -30.47 -3.90 -1.56
N THR B 293 -30.88 -2.74 -1.02
CA THR B 293 -31.73 -1.79 -1.71
C THR B 293 -31.09 -1.24 -2.98
N LEU B 294 -29.77 -1.32 -3.12
CA LEU B 294 -29.18 -0.92 -4.39
C LEU B 294 -29.29 -2.03 -5.42
N THR B 295 -29.21 -3.28 -5.00
CA THR B 295 -29.36 -4.36 -5.95
C THR B 295 -30.81 -4.47 -6.40
N GLN B 296 -31.73 -4.07 -5.53
CA GLN B 296 -33.13 -4.03 -5.91
C GLN B 296 -33.37 -3.02 -7.03
N ILE B 297 -32.74 -1.85 -6.97
CA ILE B 297 -32.94 -0.81 -8.00
C ILE B 297 -31.99 -1.02 -9.18
N LEU B 298 -30.70 -1.20 -8.92
CA LEU B 298 -29.74 -1.50 -9.97
C LEU B 298 -29.22 -2.91 -9.72
N PRO B 299 -29.79 -3.92 -10.36
CA PRO B 299 -29.39 -5.30 -10.07
C PRO B 299 -27.97 -5.60 -10.53
N PRO B 300 -27.46 -4.97 -11.60
CA PRO B 300 -26.01 -5.06 -11.88
C PRO B 300 -25.06 -4.79 -10.72
N THR B 301 -25.55 -4.20 -9.63
CA THR B 301 -24.73 -3.91 -8.46
C THR B 301 -24.74 -5.06 -7.46
N GLU B 302 -25.30 -6.22 -7.81
CA GLU B 302 -25.23 -7.36 -6.90
C GLU B 302 -23.81 -7.74 -6.50
N PRO B 303 -22.78 -7.67 -7.37
CA PRO B 303 -21.42 -7.96 -6.88
C PRO B 303 -21.08 -7.23 -5.61
N LEU B 304 -21.41 -5.93 -5.55
CA LEU B 304 -21.13 -5.11 -4.37
C LEU B 304 -21.74 -5.72 -3.11
N LEU B 305 -22.98 -6.20 -3.21
CA LEU B 305 -23.65 -6.78 -2.05
C LEU B 305 -22.99 -8.10 -1.64
N LYS B 306 -22.77 -9.01 -2.59
CA LYS B 306 -22.10 -10.26 -2.27
C LYS B 306 -20.77 -9.96 -1.61
N ALA B 307 -19.96 -9.14 -2.27
CA ALA B 307 -18.69 -8.68 -1.70
C ALA B 307 -18.87 -8.09 -0.31
N CYS B 308 -20.01 -7.47 -0.05
CA CYS B 308 -20.26 -6.98 1.31
C CYS B 308 -20.56 -8.10 2.28
N ARG B 309 -21.42 -9.05 1.89
CA ARG B 309 -21.82 -10.16 2.76
C ARG B 309 -20.65 -11.10 3.08
N ASP B 310 -19.62 -11.16 2.24
CA ASP B 310 -18.46 -11.96 2.58
C ASP B 310 -17.61 -11.29 3.65
N ASN B 311 -17.57 -9.96 3.67
CA ASN B 311 -16.86 -9.29 4.74
C ASN B 311 -17.68 -9.20 6.02
N LEU B 312 -18.93 -9.64 5.98
CA LEU B 312 -19.70 -9.82 7.21
C LEU B 312 -19.38 -11.16 7.86
N SER B 313 -19.24 -12.22 7.04
CA SER B 313 -18.76 -13.52 7.50
C SER B 313 -17.39 -13.44 8.14
N GLN B 314 -16.53 -12.55 7.64
CA GLN B 314 -15.15 -12.48 8.10
C GLN B 314 -15.05 -11.85 9.47
N TRP B 315 -15.70 -10.70 9.63
CA TRP B 315 -15.93 -10.21 10.98
C TRP B 315 -16.67 -11.24 11.84
N GLU B 316 -17.56 -12.04 11.22
CA GLU B 316 -18.33 -13.02 11.98
C GLU B 316 -17.47 -14.19 12.42
N LYS B 317 -16.48 -14.60 11.61
CA LYS B 317 -15.47 -15.52 12.10
C LYS B 317 -14.47 -14.84 13.05
N VAL B 318 -14.36 -13.51 13.02
CA VAL B 318 -13.42 -12.86 13.91
C VAL B 318 -13.86 -13.00 15.35
N ILE B 319 -15.06 -12.49 15.67
CA ILE B 319 -15.52 -12.46 17.05
C ILE B 319 -15.46 -13.85 17.70
N ARG B 320 -15.47 -14.89 16.86
CA ARG B 320 -15.31 -16.26 17.33
C ARG B 320 -13.84 -16.63 17.54
N GLY B 321 -12.91 -15.74 17.17
CA GLY B 321 -11.49 -15.92 17.47
C GLY B 321 -10.63 -16.56 16.40
N GLU B 322 -11.10 -16.63 15.15
CA GLU B 322 -10.39 -17.41 14.14
C GLU B 322 -9.64 -16.54 13.14
ZN ZN C . 16.54 -11.43 5.08
MG MG D . 16.63 -11.57 9.50
C12 DL0 E . 3.72 -13.81 5.63
C13 DL0 E . 2.56 -12.97 5.08
C14 DL0 E . 1.25 -13.41 5.63
C20 DL0 E . -2.43 -14.30 8.10
O11 DL0 E . 4.92 -13.81 3.07
C10 DL0 E . 5.54 -13.24 3.96
C9 DL0 E . 5.08 -13.22 5.37
C8 DL0 E . 5.88 -12.71 6.29
O7 DL0 E . 7.11 -12.17 6.10
C4 DL0 E . 7.60 -12.14 4.81
C5 DL0 E . 6.86 -12.62 3.73
C6 DL0 E . 7.40 -12.53 2.46
C3 DL0 E . 8.88 -11.64 4.65
C2 DL0 E . 9.43 -11.59 3.37
C1 DL0 E . 8.67 -12.03 2.30
CL DL0 E . 9.38 -12.01 0.71
N15 DL0 E . 0.56 -12.68 6.56
C16 DL0 E . -0.50 -13.47 6.99
C19 DL0 E . -1.51 -13.28 7.92
C21 DL0 E . -2.33 -15.51 7.39
C29 DL0 E . -3.25 -16.66 7.70
C22 DL0 E . -1.31 -15.66 6.44
C17 DL0 E . -0.40 -14.63 6.24
N18 DL0 E . 0.71 -14.57 5.39
C23 DL0 E . 0.75 -11.31 6.95
C24 DL0 E . -0.13 -10.33 6.49
C25 DL0 E . 0.16 -8.99 6.70
C26 DL0 E . 1.30 -8.62 7.39
C27 DL0 E . 2.15 -9.60 7.88
C28 DL0 E . 1.89 -10.94 7.67
ZN ZN F . -16.66 9.92 1.78
MG MG G . -17.78 12.69 4.09
C12 DL0 H . -17.21 2.31 12.24
C13 DL0 H . -18.10 1.18 12.65
C14 DL0 H . -18.18 1.01 14.12
C20 DL0 H . -19.25 0.56 18.49
O11 DL0 H . -16.35 0.74 10.00
C10 DL0 H . -16.89 1.83 9.76
C9 DL0 H . -17.47 2.69 10.82
C8 DL0 H . -18.14 3.78 10.46
O7 DL0 H . -18.33 4.23 9.20
C4 DL0 H . -17.76 3.52 8.17
C5 DL0 H . -17.05 2.34 8.39
C6 DL0 H . -16.40 1.73 7.32
C3 DL0 H . -17.87 4.07 6.90
C2 DL0 H . -17.21 3.47 5.83
C1 DL0 H . -16.47 2.33 6.06
CL DL0 H . -15.48 1.69 4.78
N15 DL0 H . -19.38 1.14 14.80
C16 DL0 H . -19.08 0.90 16.14
C19 DL0 H . -19.87 0.87 17.29
C21 DL0 H . -17.89 0.28 18.57
C29 DL0 H . -17.24 -0.06 19.89
C22 DL0 H . -17.13 0.32 17.40
C17 DL0 H . -17.72 0.63 16.19
N18 DL0 H . -17.18 0.71 14.91
C23 DL0 H . -20.68 1.39 14.26
C24 DL0 H . -21.59 0.34 14.14
C25 DL0 H . -22.84 0.57 13.60
C26 DL0 H . -23.19 1.85 13.17
C27 DL0 H . -22.28 2.88 13.28
C28 DL0 H . -21.03 2.67 13.83
#